data_6GK4
#
_entry.id   6GK4
#
_cell.length_a   80.940
_cell.length_b   55.190
_cell.length_c   114.990
_cell.angle_alpha   90.00
_cell.angle_beta   103.96
_cell.angle_gamma   90.00
#
_symmetry.space_group_name_H-M   'P 1 21 1'
#
loop_
_entity.id
_entity.type
_entity.pdbx_description
1 polymer 'Cystic fibrosis transmembrane conductance regulator'
2 polymer 'Nanobody D12'
3 polymer 'Nanobody T8'
4 non-polymer GLYCEROL
5 non-polymer 'MAGNESIUM ION'
6 non-polymer "ADENOSINE-5'-TRIPHOSPHATE"
7 water water
#
loop_
_entity_poly.entity_id
_entity_poly.type
_entity_poly.pdbx_seq_one_letter_code
_entity_poly.pdbx_strand_id
1 'polypeptide(L)'
;SLTTTEVVMENVTAFWEEGGTPVLKDINFKIERGQLLAVAGSTGAGKTSLLMMIMGELEPSEGKIKHSGRISFCSQFSWI
MPGTIKENIIFGVSYDEYRYRSVIKACQLEEDISKFAEKDNIVLGEGGITLSGGQRARISLARAVYKDADLYLLDSPFGY
LDVLTEKEIFESCVCKLMANKTRILVTSKMEHLKKADKILILHEGSSYFYGTFSELQNLQPDFSSKLMG
;
A,D
2 'polypeptide(L)'
;QVQLQESGGGLVQAGSSLRLACAATGSIRSINNMGWYRQAPGKQRGMVAIITRVGNTDYADSVKGRFTISRDNAKNTVYL
QMNSLKPEDTATYYCHAEITEQSRPFYLTDDYWGQGTQVTVSSAAAHHHHHHGAAEQKLISEEDLNGAA
;
B,E
3 'polypeptide(L)'
;QVQLQESGGGLVQPGGSLRLSCAASGSTSSINAMGWYRQAPGKQREPVAISSSGGDTRYAEPVKGRFTISRDNAQNKVYL
QMNSLKPEDTAVYYCWLNWGRTSVNSWGQGTQVTVSSAAAHHHHHHGAAEQKLISEEDLNGAA
;
C,F
#
loop_
_chem_comp.id
_chem_comp.type
_chem_comp.name
_chem_comp.formula
ATP non-polymer ADENOSINE-5'-TRIPHOSPHATE 'C10 H16 N5 O13 P3'
GOL non-polymer GLYCEROL 'C3 H8 O3'
MG non-polymer 'MAGNESIUM ION' 'Mg 2'
#
# COMPACT_ATOMS: atom_id res chain seq x y z
N THR A 5 26.98 27.60 -14.15
CA THR A 5 26.16 26.97 -15.18
C THR A 5 26.84 25.67 -15.66
N GLU A 6 26.09 24.56 -15.71
CA GLU A 6 26.62 23.27 -16.17
C GLU A 6 26.31 22.98 -17.65
N VAL A 7 25.21 23.58 -18.19
CA VAL A 7 24.80 23.42 -19.59
C VAL A 7 24.13 24.73 -20.10
N VAL A 8 24.57 25.17 -21.30
CA VAL A 8 24.12 26.39 -21.96
C VAL A 8 23.79 26.18 -23.47
N MET A 9 22.98 27.07 -24.07
CA MET A 9 22.66 27.04 -25.49
C MET A 9 22.14 28.42 -25.86
N GLU A 10 22.74 29.00 -26.91
CA GLU A 10 22.38 30.32 -27.42
C GLU A 10 22.33 30.35 -28.95
N ASN A 11 21.20 30.81 -29.54
CA ASN A 11 20.96 30.95 -30.99
C ASN A 11 21.20 29.64 -31.79
N VAL A 12 20.64 28.51 -31.32
CA VAL A 12 20.91 27.21 -31.96
C VAL A 12 19.81 26.72 -32.93
N THR A 13 20.22 26.41 -34.17
CA THR A 13 19.39 25.86 -35.24
C THR A 13 20.00 24.53 -35.68
N ALA A 14 19.14 23.48 -35.84
CA ALA A 14 19.62 22.12 -36.21
C ALA A 14 18.91 21.47 -37.38
N PHE A 15 19.71 20.71 -38.16
CA PHE A 15 19.32 19.95 -39.33
C PHE A 15 20.00 18.58 -39.18
N TRP A 16 19.26 17.47 -39.35
CA TRP A 16 19.81 16.12 -39.22
C TRP A 16 20.69 15.74 -40.41
N PRO A 22 14.02 21.87 -40.98
CA PRO A 22 14.76 22.02 -39.72
C PRO A 22 14.17 21.17 -38.60
N VAL A 23 15.05 20.61 -37.74
CA VAL A 23 14.62 19.82 -36.59
C VAL A 23 14.53 20.73 -35.31
N LEU A 24 15.42 21.73 -35.13
CA LEU A 24 15.47 22.65 -33.98
C LEU A 24 15.73 24.06 -34.46
N LYS A 25 14.86 24.97 -34.16
CA LYS A 25 15.01 26.37 -34.58
C LYS A 25 15.15 27.35 -33.43
N ASP A 26 16.32 27.98 -33.36
CA ASP A 26 16.71 28.98 -32.35
C ASP A 26 16.46 28.54 -30.90
N ILE A 27 17.39 27.74 -30.38
CA ILE A 27 17.30 27.21 -29.03
C ILE A 27 18.06 28.13 -28.09
N ASN A 28 17.46 28.45 -26.92
CA ASN A 28 18.05 29.38 -25.96
C ASN A 28 17.74 28.92 -24.57
N PHE A 29 18.76 28.62 -23.76
CA PHE A 29 18.59 28.23 -22.35
C PHE A 29 19.88 28.27 -21.58
N LYS A 30 19.81 28.62 -20.28
CA LYS A 30 20.96 28.65 -19.39
C LYS A 30 20.63 27.93 -18.06
N ILE A 31 20.93 26.63 -17.95
CA ILE A 31 20.62 25.85 -16.77
C ILE A 31 21.79 25.88 -15.78
N GLU A 32 21.50 26.29 -14.54
CA GLU A 32 22.48 26.28 -13.45
C GLU A 32 22.64 24.86 -12.91
N ARG A 33 23.74 24.63 -12.16
CA ARG A 33 24.09 23.37 -11.53
C ARG A 33 22.97 22.86 -10.61
N GLY A 34 22.58 21.59 -10.76
CA GLY A 34 21.55 20.99 -9.93
C GLY A 34 20.11 21.37 -10.23
N GLN A 35 19.89 22.13 -11.32
CA GLN A 35 18.55 22.55 -11.69
C GLN A 35 17.92 21.54 -12.62
N LEU A 36 16.60 21.36 -12.50
CA LEU A 36 15.84 20.49 -13.37
C LEU A 36 15.24 21.35 -14.47
N LEU A 37 15.52 20.99 -15.73
CA LEU A 37 14.98 21.62 -16.92
C LEU A 37 13.97 20.65 -17.51
N ALA A 38 12.76 21.12 -17.83
CA ALA A 38 11.71 20.28 -18.38
C ALA A 38 11.51 20.63 -19.84
N VAL A 39 11.96 19.73 -20.72
CA VAL A 39 11.85 19.88 -22.18
C VAL A 39 10.54 19.26 -22.61
N ALA A 40 9.55 20.09 -22.89
CA ALA A 40 8.26 19.57 -23.30
C ALA A 40 8.03 19.78 -24.78
N GLY A 41 6.98 19.18 -25.28
CA GLY A 41 6.60 19.24 -26.67
C GLY A 41 5.76 18.05 -27.10
N SER A 42 5.35 18.12 -28.36
CA SER A 42 4.52 17.12 -29.00
C SER A 42 5.41 16.10 -29.65
N THR A 43 4.77 15.08 -30.24
CA THR A 43 5.49 14.06 -30.98
C THR A 43 6.12 14.74 -32.17
N GLY A 44 7.42 14.89 -32.11
CA GLY A 44 8.09 15.46 -33.26
C GLY A 44 8.49 16.89 -33.03
N ALA A 45 8.30 17.42 -31.80
CA ALA A 45 8.69 18.80 -31.49
C ALA A 45 10.23 19.09 -31.64
N GLY A 46 11.06 18.17 -31.14
CA GLY A 46 12.52 18.28 -31.23
C GLY A 46 13.27 17.87 -29.99
N LYS A 47 12.54 17.50 -28.97
CA LYS A 47 13.06 17.08 -27.67
C LYS A 47 14.11 15.95 -27.69
N THR A 48 13.84 14.84 -28.42
CA THR A 48 14.79 13.73 -28.46
C THR A 48 16.05 14.16 -29.22
N SER A 49 15.99 15.22 -30.06
CA SER A 49 17.14 15.64 -30.86
C SER A 49 17.93 16.75 -30.19
N LEU A 50 17.28 17.48 -29.21
CA LEU A 50 17.92 18.56 -28.44
C LEU A 50 19.01 17.95 -27.55
N LEU A 51 18.71 16.78 -26.96
CA LEU A 51 19.64 16.05 -26.11
C LEU A 51 20.82 15.52 -26.92
N MET A 52 20.60 15.15 -28.21
CA MET A 52 21.66 14.67 -29.12
C MET A 52 22.65 15.80 -29.39
N MET A 53 22.17 17.04 -29.35
CA MET A 53 22.96 18.27 -29.53
C MET A 53 23.89 18.44 -28.32
N ILE A 54 23.36 18.15 -27.10
CA ILE A 54 24.11 18.28 -25.85
C ILE A 54 25.15 17.16 -25.80
N MET A 55 24.74 15.92 -26.16
CA MET A 55 25.61 14.73 -26.19
C MET A 55 26.68 14.80 -27.27
N GLY A 56 26.46 15.66 -28.26
CA GLY A 56 27.37 15.86 -29.38
C GLY A 56 27.12 14.93 -30.54
N GLU A 57 26.06 14.13 -30.45
CA GLU A 57 25.66 13.19 -31.49
C GLU A 57 25.26 13.94 -32.76
N LEU A 58 24.57 15.09 -32.60
CA LEU A 58 24.12 15.95 -33.69
C LEU A 58 24.80 17.30 -33.62
N GLU A 59 25.53 17.71 -34.67
CA GLU A 59 26.15 19.00 -34.64
C GLU A 59 25.24 20.09 -35.22
N PRO A 60 25.26 21.26 -34.56
CA PRO A 60 24.39 22.37 -34.99
C PRO A 60 24.89 23.15 -36.21
N SER A 61 24.05 24.02 -36.74
CA SER A 61 24.37 24.88 -37.87
C SER A 61 24.77 26.26 -37.33
N GLU A 62 23.86 26.94 -36.61
CA GLU A 62 24.06 28.26 -36.00
C GLU A 62 24.09 28.14 -34.48
N GLY A 63 24.90 28.99 -33.84
CA GLY A 63 25.05 29.04 -32.38
C GLY A 63 26.10 28.12 -31.78
N LYS A 64 26.24 28.19 -30.44
CA LYS A 64 27.20 27.41 -29.63
C LYS A 64 26.52 26.70 -28.42
N ILE A 65 27.09 25.56 -27.98
CA ILE A 65 26.62 24.77 -26.84
C ILE A 65 27.84 24.57 -25.90
N LYS A 66 27.77 25.12 -24.66
CA LYS A 66 28.90 25.02 -23.72
C LYS A 66 28.52 24.32 -22.40
N HIS A 67 28.82 23.00 -22.29
CA HIS A 67 28.50 22.28 -21.06
C HIS A 67 29.73 21.73 -20.34
N SER A 68 29.64 21.71 -19.00
CA SER A 68 30.70 21.23 -18.13
C SER A 68 30.40 19.82 -17.52
N GLY A 69 31.44 19.01 -17.46
CA GLY A 69 31.32 17.67 -16.90
C GLY A 69 30.96 16.55 -17.85
N ARG A 70 30.66 15.38 -17.31
CA ARG A 70 30.30 14.19 -18.04
C ARG A 70 28.81 14.04 -18.13
N ILE A 71 28.34 13.34 -19.17
CA ILE A 71 26.91 13.11 -19.44
C ILE A 71 26.44 11.65 -19.27
N SER A 72 25.26 11.47 -18.65
CA SER A 72 24.61 10.18 -18.48
C SER A 72 23.22 10.22 -19.13
N PHE A 73 23.06 9.44 -20.21
CA PHE A 73 21.82 9.39 -20.99
C PHE A 73 20.91 8.23 -20.59
N CYS A 74 19.59 8.47 -20.63
CA CYS A 74 18.55 7.45 -20.42
C CYS A 74 17.73 7.50 -21.69
N SER A 75 17.93 6.50 -22.59
CA SER A 75 17.27 6.43 -23.89
C SER A 75 15.76 6.36 -23.76
N GLN A 76 15.10 6.93 -24.77
CA GLN A 76 13.65 6.89 -24.79
C GLN A 76 13.16 5.46 -24.97
N PHE A 77 13.92 4.68 -25.76
CA PHE A 77 13.65 3.29 -26.05
C PHE A 77 14.53 2.42 -25.20
N SER A 78 13.93 1.83 -24.16
CA SER A 78 14.60 0.99 -23.18
C SER A 78 15.28 -0.17 -23.87
N TRP A 79 16.57 -0.34 -23.58
CA TRP A 79 17.37 -1.40 -24.18
C TRP A 79 18.04 -2.23 -23.12
N ILE A 80 17.94 -3.56 -23.25
CA ILE A 80 18.54 -4.49 -22.31
C ILE A 80 19.79 -5.11 -22.95
N MET A 81 20.88 -5.10 -22.17
CA MET A 81 22.20 -5.62 -22.51
C MET A 81 22.26 -7.11 -22.05
N PRO A 82 22.62 -8.08 -22.93
CA PRO A 82 22.71 -9.49 -22.51
C PRO A 82 23.63 -9.71 -21.30
N GLY A 83 23.02 -10.05 -20.18
CA GLY A 83 23.69 -10.29 -18.91
C GLY A 83 22.73 -10.29 -17.74
N THR A 84 23.26 -10.08 -16.54
CA THR A 84 22.44 -10.07 -15.34
C THR A 84 21.80 -8.69 -15.11
N ILE A 85 20.83 -8.60 -14.17
CA ILE A 85 20.17 -7.32 -13.82
C ILE A 85 21.24 -6.38 -13.25
N LYS A 86 22.12 -6.90 -12.36
CA LYS A 86 23.23 -6.16 -11.75
C LYS A 86 24.19 -5.65 -12.85
N GLU A 87 24.48 -6.49 -13.86
CA GLU A 87 25.34 -6.16 -15.01
C GLU A 87 24.71 -5.11 -15.89
N ASN A 88 23.37 -5.12 -16.02
CA ASN A 88 22.64 -4.14 -16.82
C ASN A 88 22.68 -2.75 -16.21
N ILE A 89 22.84 -2.68 -14.88
CA ILE A 89 22.89 -1.47 -14.09
C ILE A 89 24.33 -1.00 -13.82
N ILE A 90 25.27 -1.93 -13.51
CA ILE A 90 26.62 -1.52 -13.12
C ILE A 90 27.75 -1.81 -14.11
N PHE A 91 27.46 -2.34 -15.28
CA PHE A 91 28.58 -2.63 -16.16
C PHE A 91 29.45 -1.43 -16.53
N GLY A 92 30.77 -1.59 -16.45
CA GLY A 92 31.69 -0.52 -16.77
C GLY A 92 31.92 0.52 -15.68
N VAL A 93 31.07 0.49 -14.62
CA VAL A 93 31.13 1.40 -13.47
C VAL A 93 31.42 0.60 -12.20
N SER A 94 32.14 1.24 -11.24
CA SER A 94 32.57 0.69 -9.96
C SER A 94 31.40 0.32 -9.06
N TYR A 95 31.38 -0.94 -8.54
CA TYR A 95 30.31 -1.40 -7.67
C TYR A 95 30.39 -0.81 -6.25
N ASP A 96 29.55 0.20 -5.99
CA ASP A 96 29.40 0.80 -4.69
C ASP A 96 28.13 0.17 -4.14
N GLU A 97 28.27 -0.67 -3.09
CA GLU A 97 27.18 -1.40 -2.46
C GLU A 97 25.99 -0.52 -2.08
N TYR A 98 26.25 0.68 -1.54
CA TYR A 98 25.19 1.59 -1.12
C TYR A 98 24.67 2.45 -2.25
N ARG A 99 25.52 2.82 -3.22
CA ARG A 99 25.03 3.58 -4.39
C ARG A 99 24.06 2.69 -5.18
N TYR A 100 24.40 1.36 -5.31
CA TYR A 100 23.60 0.35 -6.00
C TYR A 100 22.23 0.14 -5.37
N ARG A 101 22.17 -0.13 -4.04
CA ARG A 101 20.94 -0.38 -3.27
C ARG A 101 19.99 0.80 -3.35
N SER A 102 20.54 2.03 -3.26
CA SER A 102 19.78 3.29 -3.32
C SER A 102 19.03 3.45 -4.64
N VAL A 103 19.67 3.04 -5.76
CA VAL A 103 19.10 3.09 -7.11
C VAL A 103 17.97 2.07 -7.28
N ILE A 104 18.13 0.85 -6.72
CA ILE A 104 17.12 -0.21 -6.83
C ILE A 104 15.79 0.25 -6.21
N LYS A 105 15.83 0.69 -4.92
CA LYS A 105 14.70 1.21 -4.12
C LYS A 105 14.05 2.42 -4.78
N ALA A 106 14.87 3.33 -5.36
CA ALA A 106 14.40 4.55 -6.02
C ALA A 106 13.75 4.29 -7.37
N CYS A 107 14.36 3.41 -8.21
CA CYS A 107 13.85 3.05 -9.54
C CYS A 107 12.77 1.97 -9.50
N GLN A 108 12.23 1.67 -8.29
CA GLN A 108 11.17 0.70 -8.01
C GLN A 108 11.42 -0.70 -8.62
N LEU A 109 12.63 -1.26 -8.36
CA LEU A 109 13.09 -2.57 -8.85
C LEU A 109 13.23 -3.64 -7.77
N GLU A 110 13.11 -3.30 -6.47
CA GLU A 110 13.26 -4.24 -5.35
C GLU A 110 12.38 -5.50 -5.49
N GLU A 111 11.03 -5.32 -5.53
CA GLU A 111 10.05 -6.40 -5.67
C GLU A 111 10.30 -7.20 -6.94
N ASP A 112 10.50 -6.47 -8.07
CA ASP A 112 10.78 -7.00 -9.40
C ASP A 112 11.97 -7.95 -9.35
N ILE A 113 13.10 -7.53 -8.71
CA ILE A 113 14.31 -8.33 -8.50
C ILE A 113 14.01 -9.50 -7.55
N SER A 114 13.50 -9.25 -6.33
CA SER A 114 13.21 -10.26 -5.31
C SER A 114 12.35 -11.47 -5.77
N LYS A 115 11.37 -11.23 -6.67
CA LYS A 115 10.50 -12.25 -7.25
C LYS A 115 11.24 -13.30 -8.13
N PHE A 116 12.59 -13.20 -8.24
CA PHE A 116 13.40 -14.11 -9.02
C PHE A 116 14.21 -15.05 -8.13
N ALA A 117 14.44 -16.29 -8.65
CA ALA A 117 15.19 -17.37 -8.03
C ALA A 117 16.70 -17.05 -7.93
N GLU A 118 17.24 -16.32 -8.92
CA GLU A 118 18.62 -15.87 -8.97
C GLU A 118 18.75 -14.37 -8.58
N LYS A 119 17.61 -13.66 -8.32
CA LYS A 119 17.53 -12.25 -7.90
C LYS A 119 18.18 -11.27 -8.92
N ASP A 120 19.13 -10.44 -8.49
CA ASP A 120 19.79 -9.50 -9.36
C ASP A 120 20.82 -10.21 -10.29
N ASN A 121 21.02 -11.52 -10.08
CA ASN A 121 21.92 -12.34 -10.90
C ASN A 121 21.15 -13.09 -12.02
N ILE A 122 19.85 -12.82 -12.27
CA ILE A 122 19.10 -13.51 -13.34
C ILE A 122 19.60 -13.01 -14.73
N VAL A 123 19.79 -13.95 -15.68
CA VAL A 123 20.29 -13.70 -17.05
C VAL A 123 19.16 -13.28 -17.97
N LEU A 124 19.36 -12.16 -18.71
CA LEU A 124 18.35 -11.57 -19.57
C LEU A 124 18.62 -11.73 -21.10
N GLY A 125 19.58 -12.58 -21.48
CA GLY A 125 19.88 -12.83 -22.89
C GLY A 125 18.89 -13.77 -23.57
N GLU A 126 19.25 -14.23 -24.80
CA GLU A 126 18.44 -15.20 -25.55
C GLU A 126 18.57 -16.54 -24.84
N GLY A 127 17.44 -17.19 -24.60
CA GLY A 127 17.39 -18.42 -23.82
C GLY A 127 17.60 -18.06 -22.36
N GLY A 128 16.75 -17.17 -21.87
CA GLY A 128 16.78 -16.68 -20.51
C GLY A 128 15.45 -16.11 -20.08
N ILE A 129 15.52 -14.94 -19.37
CA ILE A 129 14.26 -14.33 -18.93
C ILE A 129 14.06 -12.99 -19.63
N THR A 130 13.03 -12.86 -20.44
CA THR A 130 12.70 -11.63 -21.12
C THR A 130 11.89 -10.80 -20.14
N LEU A 131 12.22 -9.52 -19.96
CA LEU A 131 11.47 -8.67 -19.02
C LEU A 131 10.48 -7.78 -19.70
N SER A 132 9.37 -7.48 -19.02
CA SER A 132 8.28 -6.63 -19.53
C SER A 132 8.75 -5.25 -19.95
N GLY A 133 7.92 -4.60 -20.78
CA GLY A 133 8.18 -3.27 -21.33
C GLY A 133 8.42 -2.18 -20.31
N GLY A 134 7.95 -2.44 -19.07
CA GLY A 134 8.08 -1.54 -17.93
C GLY A 134 9.19 -1.89 -16.97
N GLN A 135 9.70 -3.14 -17.04
CA GLN A 135 10.83 -3.62 -16.23
C GLN A 135 12.11 -3.22 -16.94
N ARG A 136 12.09 -3.25 -18.29
CA ARG A 136 13.16 -2.82 -19.18
C ARG A 136 13.37 -1.32 -18.95
N ALA A 137 12.27 -0.54 -18.83
CA ALA A 137 12.25 0.90 -18.57
C ALA A 137 12.85 1.29 -17.21
N ARG A 138 12.70 0.43 -16.19
CA ARG A 138 13.22 0.65 -14.82
C ARG A 138 14.66 0.26 -14.73
N ILE A 139 15.07 -0.80 -15.46
CA ILE A 139 16.46 -1.24 -15.49
C ILE A 139 17.31 -0.22 -16.25
N SER A 140 16.72 0.39 -17.32
CA SER A 140 17.38 1.41 -18.12
C SER A 140 17.57 2.70 -17.35
N LEU A 141 16.53 3.16 -16.61
CA LEU A 141 16.64 4.37 -15.79
C LEU A 141 17.55 4.09 -14.59
N ALA A 142 17.59 2.83 -14.11
CA ALA A 142 18.51 2.43 -13.05
C ALA A 142 19.95 2.59 -13.55
N ARG A 143 20.23 2.09 -14.78
CA ARG A 143 21.52 2.15 -15.44
C ARG A 143 22.07 3.56 -15.52
N ALA A 144 21.17 4.53 -15.77
CA ALA A 144 21.45 5.95 -15.90
C ALA A 144 21.71 6.62 -14.55
N VAL A 145 20.75 6.52 -13.58
CA VAL A 145 20.86 7.18 -12.27
C VAL A 145 22.03 6.61 -11.41
N TYR A 146 22.57 5.44 -11.79
CA TYR A 146 23.70 4.83 -11.10
C TYR A 146 24.98 5.58 -11.47
N LYS A 147 25.28 5.64 -12.81
CA LYS A 147 26.45 6.25 -13.46
C LYS A 147 26.66 7.66 -12.97
N ASP A 148 27.77 7.88 -12.23
CA ASP A 148 28.12 9.17 -11.67
C ASP A 148 28.50 10.11 -12.79
N ALA A 149 27.60 11.06 -13.03
CA ALA A 149 27.80 12.07 -14.06
C ALA A 149 27.52 13.45 -13.51
N ASP A 150 27.90 14.48 -14.30
CA ASP A 150 27.63 15.86 -13.92
C ASP A 150 26.29 16.33 -14.48
N LEU A 151 25.91 15.81 -15.69
CA LEU A 151 24.65 16.13 -16.35
C LEU A 151 23.85 14.87 -16.69
N TYR A 152 22.57 14.85 -16.30
CA TYR A 152 21.68 13.73 -16.55
C TYR A 152 20.62 14.07 -17.62
N LEU A 153 20.63 13.34 -18.76
CA LEU A 153 19.68 13.55 -19.87
C LEU A 153 18.67 12.39 -19.92
N LEU A 154 17.42 12.66 -19.52
CA LEU A 154 16.39 11.62 -19.51
C LEU A 154 15.39 11.90 -20.60
N ASP A 155 15.23 10.95 -21.54
CA ASP A 155 14.35 11.14 -22.66
C ASP A 155 13.14 10.26 -22.49
N SER A 156 12.01 10.87 -21.98
CA SER A 156 10.72 10.16 -21.78
C SER A 156 10.90 8.77 -21.07
N PRO A 157 11.57 8.86 -19.89
CA PRO A 157 11.85 7.65 -19.12
C PRO A 157 10.59 6.92 -18.60
N PHE A 158 9.42 7.60 -18.57
CA PHE A 158 8.19 7.02 -18.01
C PHE A 158 7.15 6.68 -19.06
N GLY A 159 7.59 6.67 -20.34
CA GLY A 159 6.73 6.40 -21.49
C GLY A 159 5.99 5.07 -21.48
N TYR A 160 6.60 4.01 -20.91
CA TYR A 160 5.97 2.67 -20.85
C TYR A 160 5.66 2.25 -19.39
N LEU A 161 5.77 3.22 -18.46
CA LEU A 161 5.52 3.01 -17.03
C LEU A 161 4.15 3.50 -16.60
N ASP A 162 3.54 2.83 -15.58
CA ASP A 162 2.25 3.22 -15.01
C ASP A 162 2.38 4.55 -14.26
N VAL A 163 1.29 5.28 -14.14
CA VAL A 163 1.31 6.59 -13.51
C VAL A 163 1.59 6.55 -11.99
N LEU A 164 1.29 5.40 -11.33
CA LEU A 164 1.51 5.31 -9.86
C LEU A 164 3.02 5.10 -9.63
N THR A 165 3.64 4.26 -10.50
CA THR A 165 5.06 3.92 -10.42
C THR A 165 5.94 5.10 -10.74
N GLU A 166 5.64 5.80 -11.85
CA GLU A 166 6.47 6.94 -12.22
C GLU A 166 6.36 7.99 -11.13
N LYS A 167 5.16 8.13 -10.54
CA LYS A 167 4.98 9.07 -9.43
C LYS A 167 6.09 8.75 -8.41
N GLU A 168 6.22 7.44 -8.07
CA GLU A 168 7.20 6.99 -7.11
C GLU A 168 8.60 7.18 -7.62
N ILE A 169 8.90 7.00 -8.91
CA ILE A 169 10.25 7.19 -9.43
C ILE A 169 10.60 8.68 -9.45
N PHE A 170 9.92 9.50 -10.24
CA PHE A 170 10.16 10.95 -10.37
C PHE A 170 10.43 11.69 -9.05
N GLU A 171 9.59 11.50 -8.03
CA GLU A 171 9.71 12.17 -6.73
C GLU A 171 10.85 11.63 -5.86
N SER A 172 11.15 10.32 -5.98
CA SER A 172 12.20 9.69 -5.19
C SER A 172 13.50 9.51 -5.97
N CYS A 173 13.50 9.85 -7.25
CA CYS A 173 14.66 9.67 -8.10
C CYS A 173 15.11 11.00 -8.70
N VAL A 174 14.24 11.62 -9.49
CA VAL A 174 14.60 12.87 -10.16
C VAL A 174 14.60 14.00 -9.17
N CYS A 175 13.72 13.95 -8.16
CA CYS A 175 13.51 15.00 -7.19
C CYS A 175 14.16 14.76 -5.83
N LYS A 176 14.74 13.58 -5.58
CA LYS A 176 15.40 13.27 -4.31
C LYS A 176 16.80 12.74 -4.48
N LEU A 177 16.97 11.62 -5.21
CA LEU A 177 18.26 10.98 -5.46
C LEU A 177 19.22 11.87 -6.25
N MET A 178 18.68 12.55 -7.28
CA MET A 178 19.43 13.42 -8.16
C MET A 178 19.21 14.91 -7.90
N ALA A 179 18.65 15.24 -6.71
CA ALA A 179 18.31 16.61 -6.29
C ALA A 179 19.48 17.61 -6.29
N ASN A 180 20.73 17.15 -6.22
CA ASN A 180 21.86 18.07 -6.26
C ASN A 180 22.64 17.95 -7.58
N LYS A 181 22.17 17.07 -8.51
CA LYS A 181 22.72 16.83 -9.86
C LYS A 181 21.87 17.59 -10.88
N THR A 182 22.47 18.05 -12.01
CA THR A 182 21.72 18.79 -13.04
C THR A 182 20.99 17.80 -13.91
N ARG A 183 19.69 18.07 -14.18
CA ARG A 183 18.84 17.18 -14.96
C ARG A 183 18.09 17.88 -16.07
N ILE A 184 17.76 17.11 -17.12
CA ILE A 184 16.95 17.57 -18.24
C ILE A 184 15.93 16.48 -18.50
N LEU A 185 14.65 16.74 -18.14
CA LEU A 185 13.60 15.76 -18.32
C LEU A 185 12.65 16.08 -19.47
N VAL A 186 12.54 15.13 -20.42
CA VAL A 186 11.62 15.17 -21.55
C VAL A 186 10.33 14.59 -20.98
N THR A 187 9.30 15.45 -20.82
CA THR A 187 7.98 15.11 -20.26
C THR A 187 6.94 16.16 -20.66
N SER A 188 5.67 15.74 -20.81
CA SER A 188 4.55 16.62 -21.13
C SER A 188 3.80 16.92 -19.85
N LYS A 189 3.82 15.95 -18.91
CA LYS A 189 3.18 15.95 -17.60
C LYS A 189 3.31 17.24 -16.84
N MET A 190 2.16 17.86 -16.58
CA MET A 190 2.04 19.11 -15.86
C MET A 190 2.50 18.92 -14.44
N GLU A 191 2.28 17.71 -13.92
CA GLU A 191 2.66 17.30 -12.59
C GLU A 191 4.19 17.38 -12.41
N HIS A 192 4.97 17.18 -13.49
CA HIS A 192 6.44 17.21 -13.56
C HIS A 192 6.96 18.61 -13.81
N LEU A 193 6.28 19.34 -14.72
CA LEU A 193 6.65 20.71 -15.05
C LEU A 193 6.33 21.62 -13.88
N LYS A 194 5.49 21.14 -12.96
CA LYS A 194 5.13 21.83 -11.73
C LYS A 194 6.30 21.82 -10.78
N LYS A 195 7.23 20.86 -10.97
CA LYS A 195 8.40 20.68 -10.11
C LYS A 195 9.72 21.25 -10.66
N ALA A 196 9.83 21.42 -12.01
CA ALA A 196 11.02 21.92 -12.69
C ALA A 196 11.47 23.32 -12.21
N ASP A 197 12.76 23.64 -12.43
CA ASP A 197 13.37 24.94 -12.12
C ASP A 197 13.23 25.82 -13.35
N LYS A 198 13.36 25.22 -14.55
CA LYS A 198 13.20 25.89 -15.83
C LYS A 198 12.37 25.00 -16.75
N ILE A 199 11.61 25.64 -17.65
CA ILE A 199 10.75 24.95 -18.61
C ILE A 199 11.10 25.45 -20.00
N LEU A 200 11.29 24.52 -20.95
CA LEU A 200 11.52 24.80 -22.35
C LEU A 200 10.43 24.03 -23.09
N ILE A 201 9.72 24.69 -24.02
CA ILE A 201 8.63 24.02 -24.74
C ILE A 201 8.84 24.27 -26.21
N LEU A 202 8.75 23.23 -27.04
CA LEU A 202 8.99 23.31 -28.48
C LEU A 202 7.82 22.81 -29.29
N HIS A 203 7.81 23.27 -30.51
CA HIS A 203 6.81 22.83 -31.50
C HIS A 203 7.54 23.07 -32.79
N GLU A 204 7.81 21.98 -33.52
CA GLU A 204 8.51 22.01 -34.82
C GLU A 204 9.84 22.80 -34.77
N GLY A 205 10.57 22.65 -33.66
CA GLY A 205 11.87 23.27 -33.51
C GLY A 205 11.85 24.52 -32.65
N SER A 206 10.92 25.44 -33.01
CA SER A 206 10.84 26.76 -32.40
C SER A 206 10.46 26.68 -30.94
N SER A 207 11.20 27.42 -30.06
CA SER A 207 10.95 27.49 -28.61
C SER A 207 9.74 28.39 -28.34
N TYR A 208 8.55 27.79 -28.24
CA TYR A 208 7.28 28.48 -27.99
C TYR A 208 7.24 29.04 -26.58
N PHE A 209 7.90 28.35 -25.63
CA PHE A 209 7.98 28.79 -24.25
C PHE A 209 9.34 28.55 -23.57
N TYR A 210 9.75 29.46 -22.64
CA TYR A 210 10.98 29.32 -21.84
C TYR A 210 10.90 30.23 -20.62
N GLY A 211 11.17 29.66 -19.46
CA GLY A 211 11.15 30.35 -18.17
C GLY A 211 10.68 29.47 -17.04
N THR A 212 10.38 30.08 -15.91
CA THR A 212 9.91 29.43 -14.70
C THR A 212 8.50 28.86 -14.86
N PHE A 213 8.09 28.04 -13.88
CA PHE A 213 6.75 27.49 -13.90
C PHE A 213 5.76 28.60 -13.57
N SER A 214 6.25 29.65 -12.88
CA SER A 214 5.40 30.78 -12.54
C SER A 214 4.99 31.47 -13.83
N GLU A 215 5.92 31.65 -14.79
CA GLU A 215 5.62 32.29 -16.07
C GLU A 215 4.57 31.47 -16.86
N LEU A 216 4.62 30.09 -16.76
CA LEU A 216 3.69 29.19 -17.45
C LEU A 216 2.31 29.27 -16.84
N GLN A 217 2.21 29.02 -15.50
CA GLN A 217 0.98 29.07 -14.71
C GLN A 217 0.30 30.49 -14.75
N ASN A 218 0.92 31.44 -15.48
CA ASN A 218 0.46 32.79 -15.77
C ASN A 218 0.02 32.91 -17.27
N LEU A 219 -0.48 31.80 -17.85
CA LEU A 219 -0.98 31.70 -19.23
C LEU A 219 -2.32 30.94 -19.25
N GLN B 1 -15.45 19.93 -16.47
CA GLN B 1 -15.93 19.58 -17.81
C GLN B 1 -14.95 18.64 -18.61
N VAL B 2 -14.30 17.75 -17.82
CA VAL B 2 -13.44 16.66 -18.28
C VAL B 2 -13.68 15.48 -17.32
N GLN B 3 -14.31 14.42 -17.83
CA GLN B 3 -14.68 13.26 -17.02
C GLN B 3 -14.27 11.93 -17.62
N LEU B 4 -13.79 11.02 -16.76
CA LEU B 4 -13.47 9.66 -17.16
C LEU B 4 -14.63 8.79 -16.66
N GLN B 5 -15.26 8.01 -17.56
CA GLN B 5 -16.45 7.22 -17.23
C GLN B 5 -16.34 5.71 -17.45
N GLU B 6 -16.40 4.93 -16.35
CA GLU B 6 -16.31 3.46 -16.37
C GLU B 6 -17.61 2.72 -16.70
N SER B 7 -17.47 1.52 -17.30
CA SER B 7 -18.56 0.62 -17.70
C SER B 7 -18.05 -0.83 -17.56
N GLY B 8 -18.93 -1.82 -17.66
CA GLY B 8 -18.54 -3.23 -17.65
C GLY B 8 -18.33 -3.98 -16.35
N GLY B 9 -18.13 -3.28 -15.25
CA GLY B 9 -17.88 -3.93 -13.96
C GLY B 9 -19.08 -4.66 -13.37
N GLY B 10 -18.84 -5.44 -12.31
CA GLY B 10 -19.91 -6.16 -11.63
C GLY B 10 -19.54 -7.52 -11.05
N LEU B 11 -20.56 -8.39 -10.93
CA LEU B 11 -20.44 -9.74 -10.39
C LEU B 11 -20.47 -10.85 -11.45
N VAL B 12 -19.43 -11.69 -11.43
CA VAL B 12 -19.23 -12.87 -12.30
C VAL B 12 -18.73 -14.05 -11.45
N GLN B 13 -18.82 -15.27 -11.99
CA GLN B 13 -18.30 -16.49 -11.36
C GLN B 13 -16.87 -16.71 -11.91
N ALA B 14 -16.08 -17.55 -11.24
CA ALA B 14 -14.71 -17.83 -11.69
C ALA B 14 -14.79 -18.50 -13.10
N GLY B 15 -13.74 -18.29 -13.89
CA GLY B 15 -13.65 -18.88 -15.24
C GLY B 15 -14.40 -18.15 -16.34
N SER B 16 -15.18 -17.10 -15.99
CA SER B 16 -15.95 -16.30 -16.95
C SER B 16 -15.21 -15.00 -17.34
N SER B 17 -15.68 -14.29 -18.39
CA SER B 17 -15.06 -13.05 -18.89
C SER B 17 -15.89 -11.77 -18.67
N LEU B 18 -15.21 -10.61 -18.71
CA LEU B 18 -15.82 -9.29 -18.51
C LEU B 18 -15.18 -8.27 -19.44
N ARG B 19 -15.89 -7.18 -19.79
CA ARG B 19 -15.35 -6.14 -20.65
C ARG B 19 -15.57 -4.77 -20.06
N LEU B 20 -14.49 -4.17 -19.56
CA LEU B 20 -14.53 -2.83 -19.01
C LEU B 20 -14.38 -1.78 -20.13
N ALA B 21 -14.75 -0.52 -19.83
CA ALA B 21 -14.69 0.61 -20.76
C ALA B 21 -14.48 1.91 -20.02
N CYS B 22 -13.87 2.90 -20.68
CA CYS B 22 -13.56 4.18 -20.05
C CYS B 22 -13.46 5.27 -21.10
N ALA B 23 -14.43 6.19 -21.10
CA ALA B 23 -14.52 7.29 -22.06
C ALA B 23 -14.28 8.62 -21.43
N ALA B 24 -13.51 9.45 -22.13
CA ALA B 24 -13.19 10.81 -21.73
C ALA B 24 -14.03 11.76 -22.54
N THR B 25 -14.87 12.54 -21.84
CA THR B 25 -15.77 13.48 -22.49
C THR B 25 -15.42 14.85 -22.04
N GLY B 26 -15.53 15.79 -22.94
CA GLY B 26 -15.25 17.17 -22.61
C GLY B 26 -14.41 17.74 -23.71
N SER B 27 -13.75 18.82 -23.39
CA SER B 27 -12.86 19.48 -24.33
C SER B 27 -11.54 18.73 -24.31
N ILE B 28 -11.29 17.92 -25.34
CA ILE B 28 -10.08 17.12 -25.36
C ILE B 28 -9.26 17.44 -26.58
N ARG B 29 -8.15 18.14 -26.42
CA ARG B 29 -7.25 18.42 -27.56
C ARG B 29 -6.56 17.16 -27.98
N SER B 30 -6.00 16.41 -27.01
CA SER B 30 -5.35 15.14 -27.25
C SER B 30 -5.17 14.41 -25.92
N ILE B 31 -5.19 13.08 -25.96
CA ILE B 31 -4.93 12.23 -24.81
C ILE B 31 -3.72 11.38 -25.16
N ASN B 32 -2.73 11.31 -24.25
CA ASN B 32 -1.56 10.49 -24.52
C ASN B 32 -1.72 9.04 -24.13
N ASN B 33 -1.52 8.79 -22.84
CA ASN B 33 -1.55 7.45 -22.31
C ASN B 33 -2.79 7.15 -21.55
N MET B 34 -3.24 5.93 -21.68
CA MET B 34 -4.40 5.47 -20.95
C MET B 34 -4.03 4.19 -20.23
N GLY B 35 -4.64 3.96 -19.07
CA GLY B 35 -4.33 2.78 -18.30
C GLY B 35 -5.44 2.33 -17.40
N TRP B 36 -5.46 1.01 -17.12
CA TRP B 36 -6.41 0.35 -16.23
C TRP B 36 -5.67 -0.08 -14.98
N TYR B 37 -6.24 0.26 -13.82
CA TYR B 37 -5.63 -0.02 -12.52
C TYR B 37 -6.65 -0.71 -11.64
N ARG B 38 -6.18 -1.41 -10.60
CA ARG B 38 -7.08 -2.04 -9.65
C ARG B 38 -6.55 -1.86 -8.24
N GLN B 39 -7.46 -1.64 -7.31
CA GLN B 39 -7.09 -1.50 -5.90
C GLN B 39 -7.86 -2.54 -5.18
N ALA B 40 -7.16 -3.54 -4.67
CA ALA B 40 -7.85 -4.61 -3.96
C ALA B 40 -8.31 -4.10 -2.61
N PRO B 41 -9.32 -4.72 -1.95
CA PRO B 41 -9.70 -4.26 -0.62
C PRO B 41 -8.54 -4.43 0.34
N GLY B 42 -7.90 -3.32 0.70
CA GLY B 42 -6.78 -3.32 1.62
C GLY B 42 -5.44 -3.16 0.95
N LYS B 43 -5.27 -3.66 -0.30
CA LYS B 43 -3.99 -3.53 -0.98
C LYS B 43 -3.79 -2.15 -1.63
N GLN B 44 -2.54 -1.76 -1.96
CA GLN B 44 -2.29 -0.46 -2.59
C GLN B 44 -2.72 -0.52 -4.07
N ARG B 45 -3.02 0.65 -4.71
CA ARG B 45 -3.41 0.59 -6.12
C ARG B 45 -2.29 0.08 -7.01
N GLY B 46 -2.64 -0.77 -7.97
CA GLY B 46 -1.68 -1.33 -8.89
C GLY B 46 -2.23 -1.36 -10.29
N MET B 47 -1.34 -1.24 -11.28
CA MET B 47 -1.77 -1.26 -12.67
C MET B 47 -2.16 -2.66 -13.10
N VAL B 48 -2.98 -2.72 -14.13
CA VAL B 48 -3.38 -3.98 -14.73
C VAL B 48 -2.81 -3.99 -16.11
N ALA B 49 -3.03 -2.89 -16.84
CA ALA B 49 -2.54 -2.76 -18.20
C ALA B 49 -2.48 -1.29 -18.54
N ILE B 50 -1.60 -0.96 -19.50
CA ILE B 50 -1.45 0.40 -20.01
C ILE B 50 -1.31 0.39 -21.54
N ILE B 51 -1.88 1.43 -22.20
CA ILE B 51 -1.85 1.58 -23.64
C ILE B 51 -1.35 2.97 -24.01
N THR B 52 -0.30 3.06 -24.86
CA THR B 52 0.22 4.37 -25.29
C THR B 52 -0.67 4.89 -26.40
N ARG B 53 -0.37 6.09 -26.91
CA ARG B 53 -1.11 6.71 -28.00
C ARG B 53 -1.07 5.83 -29.26
N VAL B 54 0.11 5.23 -29.55
CA VAL B 54 0.42 4.33 -30.66
C VAL B 54 -0.25 2.97 -30.46
N GLY B 55 -0.41 2.57 -29.21
CA GLY B 55 -1.04 1.31 -28.82
C GLY B 55 -0.10 0.26 -28.28
N ASN B 56 0.97 0.67 -27.58
CA ASN B 56 1.91 -0.29 -27.00
C ASN B 56 1.28 -0.77 -25.70
N THR B 57 1.28 -2.09 -25.48
CA THR B 57 0.56 -2.66 -24.36
C THR B 57 1.40 -3.38 -23.31
N ASP B 58 1.57 -2.73 -22.15
CA ASP B 58 2.27 -3.33 -21.02
C ASP B 58 1.19 -3.84 -20.08
N TYR B 59 1.40 -5.02 -19.49
CA TYR B 59 0.46 -5.64 -18.56
C TYR B 59 1.17 -6.06 -17.29
N ALA B 60 0.39 -6.23 -16.21
CA ALA B 60 0.86 -6.73 -14.93
C ALA B 60 1.02 -8.24 -15.12
N ASP B 61 1.92 -8.88 -14.33
CA ASP B 61 2.15 -10.33 -14.43
C ASP B 61 0.96 -11.18 -14.07
N SER B 62 0.21 -10.74 -13.04
CA SER B 62 -0.99 -11.37 -12.50
C SER B 62 -2.13 -11.54 -13.51
N VAL B 63 -2.05 -10.87 -14.69
CA VAL B 63 -3.14 -10.89 -15.68
C VAL B 63 -2.71 -11.29 -17.08
N LYS B 64 -1.40 -11.32 -17.37
CA LYS B 64 -0.85 -11.63 -18.69
C LYS B 64 -1.45 -12.86 -19.33
N GLY B 65 -1.83 -12.73 -20.60
CA GLY B 65 -2.41 -13.80 -21.40
C GLY B 65 -3.92 -13.87 -21.35
N ARG B 66 -4.53 -13.39 -20.24
CA ARG B 66 -5.99 -13.41 -20.00
C ARG B 66 -6.62 -12.07 -20.35
N PHE B 67 -6.13 -11.00 -19.72
CA PHE B 67 -6.65 -9.66 -19.98
C PHE B 67 -5.94 -9.06 -21.18
N THR B 68 -6.71 -8.39 -22.02
CA THR B 68 -6.26 -7.70 -23.24
C THR B 68 -6.70 -6.24 -23.12
N ILE B 69 -5.94 -5.29 -23.69
CA ILE B 69 -6.33 -3.88 -23.66
C ILE B 69 -6.51 -3.38 -25.10
N SER B 70 -7.29 -2.31 -25.27
CA SER B 70 -7.56 -1.66 -26.54
C SER B 70 -7.97 -0.23 -26.25
N ARG B 71 -7.75 0.66 -27.22
CA ARG B 71 -8.13 2.08 -27.15
C ARG B 71 -8.55 2.54 -28.53
N ASP B 72 -9.57 3.39 -28.58
CA ASP B 72 -10.06 4.01 -29.81
C ASP B 72 -9.71 5.48 -29.69
N ASN B 73 -8.77 5.94 -30.55
CA ASN B 73 -8.30 7.32 -30.54
C ASN B 73 -9.33 8.33 -31.07
N ALA B 74 -10.43 7.84 -31.70
CA ALA B 74 -11.49 8.70 -32.21
C ALA B 74 -12.59 8.94 -31.17
N LYS B 75 -12.88 7.92 -30.33
CA LYS B 75 -13.91 7.97 -29.27
C LYS B 75 -13.37 8.29 -27.86
N ASN B 76 -12.01 8.25 -27.70
CA ASN B 76 -11.29 8.45 -26.43
C ASN B 76 -11.68 7.38 -25.40
N THR B 77 -11.89 6.13 -25.85
CA THR B 77 -12.33 5.06 -24.96
C THR B 77 -11.35 3.91 -24.91
N VAL B 78 -10.88 3.60 -23.67
CA VAL B 78 -9.98 2.50 -23.37
C VAL B 78 -10.78 1.32 -22.79
N TYR B 79 -10.61 0.13 -23.36
CA TYR B 79 -11.30 -1.07 -22.94
C TYR B 79 -10.32 -2.05 -22.28
N LEU B 80 -10.84 -2.91 -21.40
CA LEU B 80 -10.06 -3.94 -20.75
C LEU B 80 -10.82 -5.25 -20.88
N GLN B 81 -10.45 -6.04 -21.90
CA GLN B 81 -11.07 -7.33 -22.11
C GLN B 81 -10.48 -8.29 -21.08
N MET B 82 -11.26 -8.54 -20.02
CA MET B 82 -10.92 -9.39 -18.89
C MET B 82 -11.42 -10.82 -19.07
N ASN B 83 -10.67 -11.64 -19.82
CA ASN B 83 -11.03 -13.04 -20.04
C ASN B 83 -10.44 -13.89 -18.92
N SER B 84 -10.93 -15.15 -18.78
CA SER B 84 -10.50 -16.16 -17.81
C SER B 84 -10.26 -15.58 -16.41
N LEU B 85 -11.30 -14.99 -15.83
CA LEU B 85 -11.24 -14.37 -14.50
C LEU B 85 -11.04 -15.36 -13.38
N LYS B 86 -10.16 -14.95 -12.46
CA LYS B 86 -9.75 -15.65 -11.27
C LYS B 86 -10.45 -14.98 -10.10
N PRO B 87 -10.75 -15.70 -8.99
CA PRO B 87 -11.33 -15.02 -7.81
C PRO B 87 -10.38 -13.97 -7.25
N GLU B 88 -9.05 -14.18 -7.47
CA GLU B 88 -7.97 -13.28 -7.06
C GLU B 88 -8.02 -11.95 -7.83
N ASP B 89 -8.78 -11.90 -8.94
CA ASP B 89 -8.95 -10.70 -9.77
C ASP B 89 -9.91 -9.66 -9.18
N THR B 90 -10.66 -10.05 -8.12
CA THR B 90 -11.61 -9.21 -7.39
C THR B 90 -10.92 -7.99 -6.78
N ALA B 91 -11.31 -6.78 -7.24
CA ALA B 91 -10.82 -5.44 -6.88
C ALA B 91 -11.76 -4.36 -7.44
N THR B 92 -11.44 -3.08 -7.21
CA THR B 92 -12.15 -1.94 -7.74
C THR B 92 -11.26 -1.43 -8.85
N TYR B 93 -11.72 -1.56 -10.09
CA TYR B 93 -10.94 -1.18 -11.24
C TYR B 93 -11.14 0.29 -11.56
N TYR B 94 -10.03 1.06 -11.63
CA TYR B 94 -10.00 2.50 -11.93
C TYR B 94 -9.35 2.76 -13.28
N CYS B 95 -9.66 3.93 -13.88
CA CYS B 95 -9.17 4.34 -15.18
C CYS B 95 -8.33 5.62 -15.16
N HIS B 96 -7.25 5.66 -15.96
CA HIS B 96 -6.34 6.80 -16.04
C HIS B 96 -6.08 7.25 -17.46
N ALA B 97 -6.01 8.58 -17.67
CA ALA B 97 -5.72 9.20 -18.97
C ALA B 97 -4.99 10.55 -18.82
N GLU B 98 -3.88 10.70 -19.57
CA GLU B 98 -3.06 11.92 -19.63
C GLU B 98 -3.77 12.79 -20.65
N ILE B 99 -4.50 13.81 -20.20
CA ILE B 99 -5.35 14.63 -21.07
C ILE B 99 -4.94 16.11 -21.17
N THR B 100 -4.85 16.57 -22.44
CA THR B 100 -4.59 17.94 -22.86
C THR B 100 -5.96 18.55 -23.15
N GLU B 101 -6.37 19.54 -22.36
CA GLU B 101 -7.64 20.21 -22.55
C GLU B 101 -7.57 21.07 -23.77
N GLN B 102 -8.69 21.29 -24.42
CA GLN B 102 -8.67 22.21 -25.55
C GLN B 102 -8.40 23.62 -25.04
N SER B 103 -8.76 23.84 -23.79
CA SER B 103 -8.59 25.11 -23.12
C SER B 103 -7.13 25.45 -23.01
N ARG B 104 -6.30 24.46 -22.73
CA ARG B 104 -4.85 24.62 -22.62
C ARG B 104 -4.24 25.04 -23.94
N PRO B 105 -3.26 25.92 -23.88
CA PRO B 105 -2.57 26.42 -25.05
C PRO B 105 -1.19 25.82 -25.33
N PHE B 106 -0.76 24.78 -24.64
CA PHE B 106 0.59 24.34 -24.93
C PHE B 106 0.89 22.91 -25.39
N TYR B 107 -0.09 22.04 -25.36
CA TYR B 107 0.09 20.61 -25.62
C TYR B 107 0.62 19.80 -24.42
N LEU B 108 0.34 20.28 -23.21
CA LEU B 108 0.81 19.64 -21.99
C LEU B 108 -0.30 18.96 -21.19
N THR B 109 -0.15 17.66 -20.99
CA THR B 109 -1.13 16.79 -20.36
C THR B 109 -1.33 16.92 -18.85
N ASP B 110 -2.38 16.26 -18.37
CA ASP B 110 -2.82 16.25 -16.98
C ASP B 110 -3.40 14.89 -16.63
N ASP B 111 -3.11 14.38 -15.42
CA ASP B 111 -3.58 13.08 -14.97
C ASP B 111 -5.03 13.15 -14.49
N TYR B 112 -5.84 12.22 -15.01
CA TYR B 112 -7.27 12.13 -14.75
C TYR B 112 -7.66 10.74 -14.33
N TRP B 113 -8.41 10.61 -13.23
CA TRP B 113 -8.86 9.30 -12.79
C TRP B 113 -10.36 9.14 -12.99
N GLY B 114 -10.81 7.89 -13.03
CA GLY B 114 -12.21 7.53 -13.17
C GLY B 114 -12.88 7.30 -11.83
N GLN B 115 -14.17 6.92 -11.84
CA GLN B 115 -14.97 6.69 -10.64
C GLN B 115 -14.56 5.39 -9.90
N GLY B 116 -14.13 4.38 -10.65
CA GLY B 116 -13.69 3.10 -10.09
C GLY B 116 -14.81 2.09 -10.03
N THR B 117 -14.93 1.21 -11.07
CA THR B 117 -15.96 0.16 -11.20
C THR B 117 -15.60 -1.15 -10.48
N GLN B 118 -16.43 -1.55 -9.51
CA GLN B 118 -16.26 -2.75 -8.71
C GLN B 118 -16.43 -4.03 -9.54
N VAL B 119 -15.42 -4.92 -9.50
CA VAL B 119 -15.40 -6.22 -10.16
C VAL B 119 -15.27 -7.29 -9.08
N THR B 120 -16.28 -8.18 -8.98
CA THR B 120 -16.35 -9.26 -8.01
C THR B 120 -16.43 -10.59 -8.75
N VAL B 121 -15.48 -11.50 -8.49
CA VAL B 121 -15.37 -12.84 -9.10
C VAL B 121 -15.61 -13.93 -8.05
N GLN C 1 17.05 -7.70 -39.37
CA GLN C 1 18.13 -8.02 -40.31
C GLN C 1 19.38 -7.27 -39.91
N VAL C 2 20.05 -7.72 -38.85
CA VAL C 2 21.26 -7.04 -38.43
C VAL C 2 22.40 -7.11 -39.46
N GLN C 3 22.93 -8.35 -39.72
CA GLN C 3 24.07 -8.61 -40.63
C GLN C 3 25.44 -8.01 -40.07
N LEU C 4 26.05 -8.61 -39.03
CA LEU C 4 27.32 -8.18 -38.36
C LEU C 4 28.53 -8.87 -38.96
N GLN C 5 29.50 -8.07 -39.37
CA GLN C 5 30.74 -8.55 -39.99
C GLN C 5 31.96 -8.31 -39.12
N GLU C 6 32.53 -9.34 -38.47
CA GLU C 6 33.73 -9.19 -37.66
C GLU C 6 35.00 -9.36 -38.49
N SER C 7 36.08 -8.70 -38.04
CA SER C 7 37.39 -8.71 -38.69
C SER C 7 38.48 -8.44 -37.67
N GLY C 8 39.75 -8.61 -38.09
CA GLY C 8 40.94 -8.39 -37.25
C GLY C 8 41.29 -9.46 -36.21
N GLY C 9 40.86 -10.74 -36.46
CA GLY C 9 41.14 -11.84 -35.53
C GLY C 9 42.57 -12.28 -35.64
N GLY C 10 43.01 -13.10 -34.69
CA GLY C 10 44.36 -13.58 -34.80
C GLY C 10 45.00 -14.31 -33.65
N LEU C 11 46.29 -14.57 -33.84
CA LEU C 11 47.19 -15.20 -32.90
C LEU C 11 48.26 -14.18 -32.60
N VAL C 12 48.49 -13.92 -31.29
CA VAL C 12 49.50 -12.92 -30.95
C VAL C 12 50.33 -13.37 -29.78
N GLN C 13 51.53 -12.77 -29.62
CA GLN C 13 52.41 -13.11 -28.50
C GLN C 13 51.91 -12.39 -27.25
N PRO C 14 52.00 -12.96 -26.00
CA PRO C 14 51.56 -12.21 -24.79
C PRO C 14 52.31 -10.85 -24.70
N GLY C 15 51.53 -9.77 -24.72
CA GLY C 15 51.99 -8.39 -24.66
C GLY C 15 51.76 -7.68 -25.98
N GLY C 16 51.13 -8.40 -26.91
CA GLY C 16 50.82 -7.94 -28.25
C GLY C 16 49.47 -7.28 -28.39
N SER C 17 49.17 -6.87 -29.63
CA SER C 17 47.94 -6.18 -29.95
C SER C 17 47.30 -6.63 -31.24
N LEU C 18 45.97 -6.54 -31.25
CA LEU C 18 45.06 -6.82 -32.34
C LEU C 18 43.99 -5.77 -32.29
N ARG C 19 43.45 -5.41 -33.45
CA ARG C 19 42.34 -4.49 -33.53
C ARG C 19 41.20 -5.29 -34.10
N LEU C 20 40.02 -5.08 -33.57
CA LEU C 20 38.86 -5.80 -34.03
C LEU C 20 37.93 -4.83 -34.69
N SER C 21 37.35 -5.27 -35.78
CA SER C 21 36.42 -4.46 -36.56
C SER C 21 35.12 -5.22 -36.70
N CYS C 22 34.01 -4.48 -36.74
CA CYS C 22 32.66 -4.97 -36.92
C CYS C 22 31.88 -3.98 -37.70
N ALA C 23 31.09 -4.41 -38.69
CA ALA C 23 30.27 -3.52 -39.52
C ALA C 23 28.82 -4.00 -39.53
N ALA C 24 27.89 -3.05 -39.35
CA ALA C 24 26.47 -3.37 -39.37
C ALA C 24 25.88 -2.93 -40.72
N SER C 29 17.41 0.75 -38.22
CA SER C 29 18.25 1.90 -38.51
C SER C 29 18.87 2.47 -37.23
N SER C 30 18.02 2.96 -36.30
CA SER C 30 18.42 3.57 -35.03
C SER C 30 18.96 2.55 -34.02
N ILE C 31 20.28 2.65 -33.76
CA ILE C 31 21.06 1.74 -32.90
C ILE C 31 21.08 2.22 -31.41
N ASN C 32 20.78 1.28 -30.50
CA ASN C 32 20.74 1.51 -29.05
C ASN C 32 22.10 1.43 -28.40
N ALA C 33 22.85 0.36 -28.68
CA ALA C 33 24.21 0.12 -28.20
C ALA C 33 24.94 -0.83 -29.16
N MET C 34 26.28 -0.75 -29.20
CA MET C 34 27.09 -1.62 -30.05
C MET C 34 28.38 -1.92 -29.33
N GLY C 35 28.63 -3.21 -29.08
CA GLY C 35 29.80 -3.68 -28.37
C GLY C 35 30.31 -5.05 -28.75
N TRP C 36 31.12 -5.65 -27.87
CA TRP C 36 31.79 -6.95 -28.01
C TRP C 36 31.59 -7.86 -26.81
N TYR C 37 31.38 -9.15 -27.04
CA TYR C 37 31.24 -10.20 -26.03
C TYR C 37 32.32 -11.27 -26.26
N ARG C 38 32.59 -12.09 -25.23
CA ARG C 38 33.56 -13.16 -25.38
C ARG C 38 33.11 -14.43 -24.70
N GLN C 39 33.39 -15.59 -25.34
CA GLN C 39 33.04 -16.91 -24.82
C GLN C 39 34.26 -17.83 -24.87
N ALA C 40 34.93 -17.99 -23.71
CA ALA C 40 36.10 -18.85 -23.57
C ALA C 40 35.63 -20.32 -23.59
N PRO C 41 36.45 -21.29 -24.08
CA PRO C 41 35.98 -22.69 -24.13
C PRO C 41 35.52 -23.25 -22.77
N GLY C 42 34.28 -23.73 -22.74
CA GLY C 42 33.64 -24.26 -21.54
C GLY C 42 32.79 -23.24 -20.83
N LYS C 43 33.25 -21.98 -20.80
CA LYS C 43 32.60 -20.81 -20.19
C LYS C 43 31.42 -20.31 -21.05
N GLN C 44 30.59 -19.40 -20.48
CA GLN C 44 29.47 -18.77 -21.18
C GLN C 44 29.86 -17.34 -21.64
N ARG C 45 29.07 -16.72 -22.53
CA ARG C 45 29.34 -15.38 -23.06
C ARG C 45 29.41 -14.31 -21.97
N GLU C 46 30.48 -13.50 -21.99
CA GLU C 46 30.67 -12.41 -21.08
C GLU C 46 30.96 -11.14 -21.85
N PRO C 47 30.29 -10.01 -21.46
CA PRO C 47 30.51 -8.74 -22.18
C PRO C 47 31.93 -8.21 -22.02
N VAL C 48 32.51 -7.64 -23.06
CA VAL C 48 33.86 -7.07 -23.03
C VAL C 48 33.78 -5.54 -22.98
N ALA C 49 33.14 -4.94 -24.01
CA ALA C 49 33.10 -3.50 -24.10
C ALA C 49 31.83 -3.13 -24.82
N ILE C 50 31.30 -1.97 -24.47
CA ILE C 50 30.08 -1.52 -25.10
C ILE C 50 30.11 -0.06 -25.39
N SER C 51 29.47 0.37 -26.50
CA SER C 51 29.36 1.78 -26.84
C SER C 51 27.86 2.15 -26.88
N SER C 52 27.43 3.16 -26.08
CA SER C 52 26.02 3.55 -26.02
C SER C 52 25.65 4.70 -26.97
N SER C 53 24.40 5.16 -26.84
CA SER C 53 23.67 6.19 -27.59
C SER C 53 24.40 7.51 -27.66
N GLY C 54 25.07 7.88 -26.57
CA GLY C 54 25.83 9.12 -26.51
C GLY C 54 27.33 8.91 -26.51
N GLY C 55 27.73 7.70 -26.88
CA GLY C 55 29.14 7.34 -26.93
C GLY C 55 29.71 6.98 -25.58
N ASP C 56 28.84 6.52 -24.65
CA ASP C 56 29.26 6.10 -23.32
C ASP C 56 29.93 4.75 -23.46
N THR C 57 31.27 4.75 -23.36
CA THR C 57 32.07 3.54 -23.51
C THR C 57 32.20 2.85 -22.17
N ARG C 58 31.64 1.63 -22.08
CA ARG C 58 31.66 0.83 -20.85
C ARG C 58 32.53 -0.40 -21.05
N TYR C 59 33.48 -0.62 -20.13
CA TYR C 59 34.42 -1.74 -20.24
C TYR C 59 34.35 -2.75 -19.10
N ALA C 60 34.85 -3.98 -19.36
CA ALA C 60 34.90 -5.09 -18.40
C ALA C 60 36.04 -4.85 -17.43
N GLU C 61 35.88 -5.25 -16.15
CA GLU C 61 36.91 -5.08 -15.12
C GLU C 61 38.28 -5.70 -15.53
N PRO C 62 38.36 -6.96 -16.02
CA PRO C 62 39.67 -7.50 -16.45
C PRO C 62 40.34 -6.84 -17.67
N VAL C 63 39.54 -6.17 -18.53
CA VAL C 63 39.94 -5.52 -19.79
C VAL C 63 40.16 -3.96 -19.65
N LYS C 64 39.72 -3.36 -18.51
CA LYS C 64 39.81 -1.92 -18.19
C LYS C 64 41.24 -1.38 -18.13
N GLY C 65 41.51 -0.40 -18.98
CA GLY C 65 42.82 0.24 -19.06
C GLY C 65 43.73 -0.48 -20.03
N ARG C 66 43.15 -1.46 -20.75
CA ARG C 66 43.88 -2.26 -21.72
C ARG C 66 43.25 -2.16 -23.11
N PHE C 67 41.88 -2.15 -23.22
CA PHE C 67 41.22 -2.05 -24.53
C PHE C 67 40.45 -0.76 -24.72
N THR C 68 40.16 -0.45 -25.94
CA THR C 68 39.43 0.77 -26.24
C THR C 68 38.42 0.40 -27.27
N ILE C 69 37.23 1.07 -27.17
CA ILE C 69 36.16 0.87 -28.14
C ILE C 69 35.86 2.20 -28.84
N SER C 70 35.88 2.18 -30.17
CA SER C 70 35.65 3.37 -30.96
C SER C 70 34.62 3.03 -32.00
N ARG C 71 33.49 3.75 -31.98
CA ARG C 71 32.39 3.57 -32.92
C ARG C 71 32.43 4.59 -34.07
N ASP C 72 31.70 4.28 -35.15
CA ASP C 72 31.50 5.09 -36.35
C ASP C 72 30.00 5.02 -36.67
N ASN C 73 29.25 6.06 -36.27
CA ASN C 73 27.81 6.12 -36.51
C ASN C 73 27.56 6.31 -38.01
N ALA C 74 28.46 7.06 -38.67
CA ALA C 74 28.47 7.38 -40.10
C ALA C 74 28.62 6.17 -41.02
N GLN C 75 29.17 5.06 -40.51
CA GLN C 75 29.39 3.83 -41.28
C GLN C 75 28.83 2.57 -40.62
N ASN C 76 28.30 2.69 -39.37
CA ASN C 76 27.76 1.60 -38.54
C ASN C 76 28.85 0.57 -38.21
N LYS C 77 30.09 1.07 -38.02
CA LYS C 77 31.28 0.28 -37.69
C LYS C 77 31.69 0.48 -36.22
N VAL C 78 32.35 -0.54 -35.63
CA VAL C 78 32.82 -0.56 -34.23
C VAL C 78 34.22 -1.21 -34.16
N TYR C 79 35.13 -0.63 -33.37
CA TYR C 79 36.51 -1.10 -33.28
C TYR C 79 37.02 -1.35 -31.86
N LEU C 80 37.59 -2.55 -31.62
CA LEU C 80 38.17 -2.94 -30.33
C LEU C 80 39.70 -2.95 -30.43
N GLN C 81 40.36 -2.00 -29.76
CA GLN C 81 41.81 -1.95 -29.72
C GLN C 81 42.27 -2.78 -28.53
N MET C 82 42.61 -4.04 -28.82
CA MET C 82 43.09 -4.96 -27.81
C MET C 82 44.58 -4.82 -27.66
N ASN C 83 45.03 -3.98 -26.70
CA ASN C 83 46.44 -3.75 -26.38
C ASN C 83 46.82 -4.55 -25.14
N SER C 84 48.14 -4.69 -24.85
CA SER C 84 48.67 -5.43 -23.68
C SER C 84 47.97 -6.78 -23.44
N LEU C 85 47.81 -7.57 -24.51
CA LEU C 85 47.11 -8.85 -24.45
C LEU C 85 47.80 -9.92 -23.61
N LYS C 86 47.01 -10.49 -22.66
CA LYS C 86 47.34 -11.56 -21.72
C LYS C 86 46.74 -12.86 -22.29
N PRO C 87 47.25 -14.08 -21.96
CA PRO C 87 46.63 -15.31 -22.52
C PRO C 87 45.20 -15.61 -22.03
N GLU C 88 44.77 -14.93 -20.95
CA GLU C 88 43.44 -15.01 -20.34
C GLU C 88 42.37 -14.48 -21.32
N ASP C 89 42.80 -13.58 -22.23
CA ASP C 89 41.95 -12.96 -23.24
C ASP C 89 41.69 -13.91 -24.42
N THR C 90 42.23 -15.14 -24.36
CA THR C 90 42.05 -16.17 -25.38
C THR C 90 40.61 -16.68 -25.34
N ALA C 91 39.82 -16.26 -26.35
CA ALA C 91 38.41 -16.59 -26.55
C ALA C 91 37.97 -16.18 -27.95
N VAL C 92 36.70 -16.42 -28.29
CA VAL C 92 36.07 -15.99 -29.55
C VAL C 92 35.32 -14.69 -29.23
N TYR C 93 35.52 -13.66 -30.06
CA TYR C 93 34.93 -12.35 -29.83
C TYR C 93 33.69 -12.13 -30.67
N TYR C 94 32.55 -11.92 -30.01
CA TYR C 94 31.28 -11.69 -30.69
C TYR C 94 30.88 -10.21 -30.71
N CYS C 95 30.70 -9.60 -31.92
CA CYS C 95 30.20 -8.25 -32.10
C CYS C 95 28.71 -8.26 -31.82
N TRP C 96 28.21 -7.31 -31.03
CA TRP C 96 26.80 -7.22 -30.69
C TRP C 96 26.22 -5.88 -31.13
N LEU C 97 24.90 -5.82 -31.30
CA LEU C 97 24.17 -4.63 -31.68
C LEU C 97 22.74 -4.72 -31.15
N ASN C 98 22.33 -3.67 -30.45
CA ASN C 98 20.99 -3.55 -29.88
C ASN C 98 20.30 -2.53 -30.73
N TRP C 99 19.13 -2.91 -31.33
CA TRP C 99 18.50 -1.96 -32.21
C TRP C 99 16.98 -2.01 -32.21
N GLY C 100 16.37 -0.90 -32.64
CA GLY C 100 14.94 -0.71 -32.70
C GLY C 100 14.33 -0.23 -31.39
N ARG C 101 13.04 0.09 -31.42
CA ARG C 101 12.26 0.51 -30.25
C ARG C 101 12.02 -0.67 -29.27
N THR C 102 11.89 -1.89 -29.83
CA THR C 102 11.67 -3.15 -29.11
C THR C 102 12.95 -3.86 -28.60
N SER C 103 14.14 -3.19 -28.67
CA SER C 103 15.44 -3.68 -28.15
C SER C 103 15.87 -5.09 -28.69
N VAL C 104 16.07 -5.26 -29.97
CA VAL C 104 16.45 -6.52 -30.59
C VAL C 104 17.97 -6.72 -30.43
N ASN C 105 18.37 -7.93 -29.97
CA ASN C 105 19.76 -8.36 -29.82
C ASN C 105 20.27 -9.14 -31.04
N SER C 106 21.18 -8.51 -31.82
CA SER C 106 21.79 -9.13 -32.99
C SER C 106 23.28 -9.41 -32.71
N TRP C 107 23.71 -10.64 -32.99
CA TRP C 107 25.04 -11.19 -32.76
C TRP C 107 25.77 -11.52 -34.05
N GLY C 108 27.09 -11.29 -34.05
CA GLY C 108 27.97 -11.59 -35.17
C GLY C 108 28.34 -13.06 -35.16
N GLN C 109 29.07 -13.56 -36.20
CA GLN C 109 29.45 -14.99 -36.20
C GLN C 109 30.55 -15.28 -35.15
N GLY C 110 31.51 -14.35 -35.01
CA GLY C 110 32.59 -14.45 -34.04
C GLY C 110 33.93 -14.66 -34.69
N THR C 111 34.94 -13.92 -34.22
CA THR C 111 36.29 -14.02 -34.70
C THR C 111 37.15 -14.57 -33.56
N GLN C 112 37.93 -15.59 -33.83
CA GLN C 112 38.75 -16.25 -32.82
C GLN C 112 40.02 -15.46 -32.59
N VAL C 113 40.27 -15.12 -31.32
CA VAL C 113 41.52 -14.45 -30.95
C VAL C 113 42.28 -15.32 -29.93
N THR C 114 43.52 -15.74 -30.28
CA THR C 114 44.31 -16.60 -29.42
C THR C 114 45.58 -15.91 -29.02
N VAL C 115 45.77 -15.79 -27.71
CA VAL C 115 46.98 -15.20 -27.15
C VAL C 115 47.85 -16.30 -26.64
N SER C 116 48.93 -16.60 -27.37
CA SER C 116 49.81 -17.70 -27.00
C SER C 116 51.28 -17.38 -27.20
N SER C 117 52.14 -18.09 -26.47
CA SER C 117 53.59 -17.91 -26.57
C SER C 117 54.04 -18.53 -27.91
N ALA C 118 53.42 -19.67 -28.34
CA ALA C 118 53.73 -20.39 -29.57
C ALA C 118 53.96 -19.49 -30.79
N THR D 4 13.16 -4.83 8.11
CA THR D 4 12.00 -5.59 7.67
C THR D 4 11.01 -5.83 8.80
N THR D 5 11.53 -6.10 10.03
CA THR D 5 10.76 -6.35 11.24
C THR D 5 10.06 -5.08 11.71
N GLU D 6 8.77 -5.16 12.03
CA GLU D 6 8.03 -4.01 12.50
C GLU D 6 7.88 -3.99 14.01
N VAL D 7 7.84 -5.16 14.63
CA VAL D 7 7.72 -5.26 16.10
C VAL D 7 8.58 -6.41 16.68
N VAL D 8 9.32 -6.14 17.79
CA VAL D 8 10.26 -7.08 18.44
C VAL D 8 10.17 -7.04 19.96
N MET D 9 10.69 -8.12 20.59
CA MET D 9 10.81 -8.22 22.04
C MET D 9 11.83 -9.25 22.45
N GLU D 10 12.84 -8.89 23.25
CA GLU D 10 13.89 -9.82 23.67
C GLU D 10 14.20 -9.63 25.16
N ASN D 11 14.11 -10.74 25.95
CA ASN D 11 14.36 -10.80 27.41
C ASN D 11 13.49 -9.76 28.18
N VAL D 12 12.23 -9.57 27.73
CA VAL D 12 11.33 -8.56 28.29
C VAL D 12 10.30 -9.13 29.28
N THR D 13 10.42 -8.73 30.54
CA THR D 13 9.55 -9.08 31.66
C THR D 13 8.91 -7.79 32.21
N ALA D 14 7.74 -7.88 32.84
CA ALA D 14 6.99 -6.76 33.34
C ALA D 14 6.36 -6.95 34.71
N PHE D 15 6.19 -5.81 35.40
CA PHE D 15 5.58 -5.59 36.70
C PHE D 15 4.73 -4.32 36.55
N TRP D 16 3.45 -4.37 36.93
CA TRP D 16 2.55 -3.22 36.81
C TRP D 16 2.86 -2.14 37.83
N PRO D 22 5.48 -10.88 39.09
CA PRO D 22 5.55 -10.60 37.65
C PRO D 22 4.20 -10.72 36.97
N VAL D 23 4.05 -10.13 35.79
CA VAL D 23 2.80 -10.25 35.06
C VAL D 23 3.10 -10.78 33.68
N LEU D 24 4.24 -10.37 33.15
CA LEU D 24 4.71 -10.87 31.88
C LEU D 24 6.12 -11.31 32.19
N LYS D 25 6.43 -12.59 32.04
CA LYS D 25 7.76 -13.05 32.39
C LYS D 25 8.58 -13.49 31.19
N ASP D 26 9.67 -12.68 30.86
CA ASP D 26 10.67 -12.93 29.82
C ASP D 26 10.04 -13.27 28.49
N ILE D 27 9.48 -12.27 27.81
CA ILE D 27 8.90 -12.46 26.49
C ILE D 27 10.04 -12.48 25.51
N ASN D 28 9.83 -13.19 24.42
CA ASN D 28 10.80 -13.28 23.33
C ASN D 28 10.06 -13.56 22.02
N PHE D 29 10.15 -12.61 21.04
CA PHE D 29 9.53 -12.77 19.72
C PHE D 29 10.05 -11.75 18.70
N LYS D 30 9.82 -12.02 17.38
CA LYS D 30 10.32 -11.16 16.30
C LYS D 30 9.41 -11.24 15.09
N ILE D 31 8.45 -10.34 14.97
CA ILE D 31 7.45 -10.40 13.91
C ILE D 31 7.78 -9.53 12.71
N GLU D 32 7.71 -10.10 11.53
CA GLU D 32 8.05 -9.37 10.29
C GLU D 32 6.85 -8.55 9.82
N ARG D 33 7.07 -7.57 8.92
CA ARG D 33 6.05 -6.69 8.34
C ARG D 33 4.89 -7.46 7.67
N GLY D 34 3.65 -7.10 7.99
CA GLY D 34 2.46 -7.73 7.42
C GLY D 34 2.11 -9.12 7.94
N GLN D 35 2.84 -9.59 8.96
CA GLN D 35 2.60 -10.91 9.55
C GLN D 35 1.57 -10.80 10.65
N LEU D 36 0.73 -11.84 10.78
CA LEU D 36 -0.27 -11.93 11.84
C LEU D 36 0.33 -12.76 12.96
N LEU D 37 0.36 -12.21 14.17
CA LEU D 37 0.83 -12.86 15.38
C LEU D 37 -0.41 -13.15 16.21
N ALA D 38 -0.55 -14.38 16.70
CA ALA D 38 -1.70 -14.79 17.51
C ALA D 38 -1.27 -14.97 18.94
N VAL D 39 -1.66 -14.02 19.79
CA VAL D 39 -1.35 -14.03 21.21
C VAL D 39 -2.45 -14.79 21.92
N ALA D 40 -2.12 -16.03 22.26
CA ALA D 40 -2.98 -16.95 22.93
C ALA D 40 -2.63 -17.05 24.42
N GLY D 41 -3.53 -17.65 25.17
CA GLY D 41 -3.26 -17.84 26.59
C GLY D 41 -4.51 -18.04 27.38
N SER D 42 -4.31 -18.26 28.69
CA SER D 42 -5.40 -18.42 29.64
C SER D 42 -5.96 -17.03 30.00
N THR D 43 -7.10 -17.03 30.70
CA THR D 43 -7.77 -15.83 31.21
C THR D 43 -6.92 -15.22 32.32
N GLY D 44 -5.98 -14.34 31.96
CA GLY D 44 -5.08 -13.77 32.97
C GLY D 44 -3.63 -14.13 32.72
N ALA D 45 -3.33 -14.68 31.53
CA ALA D 45 -1.98 -15.07 31.15
C ALA D 45 -1.01 -13.91 31.00
N GLY D 46 -1.46 -12.77 30.44
CA GLY D 46 -0.64 -11.59 30.21
C GLY D 46 -0.88 -10.89 28.88
N LYS D 47 -1.71 -11.51 28.00
CA LYS D 47 -2.09 -11.10 26.64
C LYS D 47 -2.45 -9.64 26.49
N THR D 48 -3.45 -9.15 27.28
CA THR D 48 -3.95 -7.76 27.25
C THR D 48 -2.83 -6.76 27.56
N SER D 49 -1.97 -7.13 28.52
CA SER D 49 -0.81 -6.36 29.00
C SER D 49 0.36 -6.32 28.04
N LEU D 50 0.67 -7.44 27.36
CA LEU D 50 1.75 -7.50 26.38
C LEU D 50 1.63 -6.37 25.37
N LEU D 51 0.39 -6.08 24.94
CA LEU D 51 0.06 -5.00 24.01
C LEU D 51 0.34 -3.65 24.64
N MET D 52 0.16 -3.48 25.97
CA MET D 52 0.43 -2.22 26.71
C MET D 52 1.91 -1.92 26.68
N MET D 53 2.72 -2.98 26.64
CA MET D 53 4.17 -2.90 26.53
C MET D 53 4.57 -2.37 25.18
N ILE D 54 3.87 -2.84 24.13
CA ILE D 54 4.10 -2.42 22.74
C ILE D 54 3.64 -0.97 22.55
N MET D 55 2.43 -0.64 23.06
CA MET D 55 1.85 0.70 22.99
C MET D 55 2.63 1.71 23.83
N GLY D 56 3.43 1.22 24.78
CA GLY D 56 4.22 2.08 25.65
C GLY D 56 3.49 2.51 26.91
N GLU D 57 2.27 1.98 27.12
CA GLU D 57 1.46 2.24 28.30
C GLU D 57 2.17 1.72 29.57
N LEU D 58 2.79 0.52 29.46
CA LEU D 58 3.57 -0.13 30.53
C LEU D 58 5.09 -0.02 30.31
N GLU D 59 5.81 0.07 31.43
CA GLU D 59 7.27 0.15 31.37
C GLU D 59 7.91 -1.18 31.69
N PRO D 60 8.78 -1.67 30.76
CA PRO D 60 9.48 -2.94 31.05
C PRO D 60 10.63 -2.76 32.06
N SER D 61 10.95 -3.85 32.83
CA SER D 61 12.05 -3.82 33.81
C SER D 61 13.37 -4.25 33.13
N GLU D 62 13.37 -5.49 32.57
CA GLU D 62 14.49 -6.10 31.83
C GLU D 62 14.13 -6.21 30.34
N GLY D 63 15.13 -6.05 29.49
CA GLY D 63 15.00 -6.16 28.04
C GLY D 63 14.64 -4.88 27.29
N LYS D 64 14.52 -4.99 25.95
CA LYS D 64 14.17 -3.90 25.03
C LYS D 64 13.03 -4.27 24.06
N ILE D 65 12.26 -3.27 23.62
CA ILE D 65 11.13 -3.39 22.68
C ILE D 65 11.40 -2.40 21.54
N LYS D 66 11.61 -2.90 20.31
CA LYS D 66 11.92 -2.06 19.15
C LYS D 66 10.94 -2.23 18.00
N HIS D 67 9.97 -1.31 17.90
CA HIS D 67 8.95 -1.35 16.86
C HIS D 67 8.96 -0.12 15.97
N SER D 68 8.55 -0.29 14.70
CA SER D 68 8.46 0.77 13.71
C SER D 68 7.05 1.18 13.42
N GLY D 69 6.83 2.49 13.35
CA GLY D 69 5.58 3.10 12.96
C GLY D 69 4.55 3.38 14.04
N ARG D 70 3.41 3.86 13.53
CA ARG D 70 2.24 4.25 14.32
C ARG D 70 1.34 3.02 14.66
N ILE D 71 0.66 3.11 15.83
CA ILE D 71 -0.14 2.01 16.36
C ILE D 71 -1.64 2.35 16.40
N SER D 72 -2.48 1.33 16.06
CA SER D 72 -3.91 1.40 16.18
C SER D 72 -4.43 0.26 17.06
N PHE D 73 -5.00 0.63 18.23
CA PHE D 73 -5.52 -0.32 19.20
C PHE D 73 -7.03 -0.54 19.10
N CYS D 74 -7.47 -1.77 19.36
CA CYS D 74 -8.88 -2.14 19.44
C CYS D 74 -9.03 -2.77 20.82
N SER D 75 -9.62 -2.02 21.77
CA SER D 75 -9.80 -2.45 23.17
C SER D 75 -10.60 -3.72 23.30
N GLN D 76 -10.34 -4.50 24.36
CA GLN D 76 -11.12 -5.71 24.54
C GLN D 76 -12.54 -5.32 24.89
N PHE D 77 -12.68 -4.22 25.65
CA PHE D 77 -13.97 -3.74 26.10
C PHE D 77 -14.39 -2.62 25.19
N SER D 78 -15.35 -2.94 24.29
CA SER D 78 -15.91 -2.01 23.29
C SER D 78 -16.47 -0.78 23.97
N TRP D 79 -16.03 0.38 23.49
CA TRP D 79 -16.47 1.65 24.05
C TRP D 79 -17.01 2.56 22.98
N ILE D 80 -18.17 3.17 23.24
CA ILE D 80 -18.82 4.09 22.31
C ILE D 80 -18.63 5.53 22.78
N MET D 81 -18.20 6.38 21.85
CA MET D 81 -17.93 7.81 22.01
C MET D 81 -19.23 8.59 21.67
N PRO D 82 -19.75 9.48 22.57
CA PRO D 82 -20.99 10.22 22.25
C PRO D 82 -20.90 11.01 20.94
N GLY D 83 -21.67 10.56 19.97
CA GLY D 83 -21.73 11.13 18.65
C GLY D 83 -22.39 10.22 17.65
N THR D 84 -22.13 10.46 16.37
CA THR D 84 -22.73 9.65 15.31
C THR D 84 -21.91 8.36 15.08
N ILE D 85 -22.45 7.39 14.31
CA ILE D 85 -21.76 6.14 13.96
C ILE D 85 -20.52 6.52 13.14
N LYS D 86 -20.67 7.45 12.17
CA LYS D 86 -19.60 7.97 11.33
C LYS D 86 -18.51 8.62 12.19
N GLU D 87 -18.91 9.40 13.22
CA GLU D 87 -18.01 10.06 14.17
C GLU D 87 -17.26 9.06 15.06
N ASN D 88 -17.92 7.95 15.39
CA ASN D 88 -17.33 6.90 16.22
C ASN D 88 -16.21 6.16 15.50
N ILE D 89 -16.32 6.10 14.17
CA ILE D 89 -15.35 5.43 13.30
C ILE D 89 -14.29 6.42 12.78
N ILE D 90 -14.72 7.63 12.37
CA ILE D 90 -13.93 8.60 11.63
C ILE D 90 -13.30 9.76 12.40
N PHE D 91 -13.72 10.02 13.65
CA PHE D 91 -13.25 11.20 14.36
C PHE D 91 -11.73 11.35 14.47
N GLY D 92 -11.20 12.53 14.18
CA GLY D 92 -9.76 12.79 14.28
C GLY D 92 -8.96 12.35 13.07
N VAL D 93 -9.56 11.53 12.18
CA VAL D 93 -8.93 11.00 10.95
C VAL D 93 -9.68 11.54 9.72
N SER D 94 -8.93 11.75 8.63
CA SER D 94 -9.40 12.27 7.33
C SER D 94 -10.46 11.37 6.70
N TYR D 95 -11.61 11.95 6.31
CA TYR D 95 -12.70 11.19 5.68
C TYR D 95 -12.39 10.82 4.22
N ASP D 96 -12.00 9.57 4.01
CA ASP D 96 -11.76 9.00 2.69
C ASP D 96 -13.03 8.20 2.43
N GLU D 97 -13.84 8.66 1.45
CA GLU D 97 -15.12 8.03 1.10
C GLU D 97 -15.02 6.53 0.84
N TYR D 98 -13.95 6.10 0.14
CA TYR D 98 -13.79 4.68 -0.17
C TYR D 98 -13.13 3.90 0.93
N ARG D 99 -12.22 4.52 1.72
CA ARG D 99 -11.63 3.83 2.86
C ARG D 99 -12.75 3.52 3.89
N TYR D 100 -13.67 4.51 4.08
CA TYR D 100 -14.80 4.41 4.99
C TYR D 100 -15.77 3.28 4.62
N ARG D 101 -16.25 3.25 3.35
CA ARG D 101 -17.18 2.25 2.83
C ARG D 101 -16.62 0.84 2.94
N SER D 102 -15.31 0.67 2.65
CA SER D 102 -14.60 -0.61 2.73
C SER D 102 -14.62 -1.20 4.14
N VAL D 103 -14.49 -0.34 5.17
CA VAL D 103 -14.49 -0.73 6.58
C VAL D 103 -15.91 -1.15 7.02
N ILE D 104 -16.96 -0.44 6.56
CA ILE D 104 -18.35 -0.76 6.91
C ILE D 104 -18.71 -2.20 6.48
N LYS D 105 -18.52 -2.50 5.17
CA LYS D 105 -18.74 -3.81 4.53
C LYS D 105 -17.93 -4.92 5.17
N ALA D 106 -16.66 -4.63 5.55
CA ALA D 106 -15.75 -5.60 6.16
C ALA D 106 -16.08 -5.87 7.61
N CYS D 107 -16.40 -4.83 8.40
CA CYS D 107 -16.75 -4.96 9.83
C CYS D 107 -18.23 -5.32 10.06
N GLN D 108 -18.94 -5.74 8.99
CA GLN D 108 -20.33 -6.17 8.96
C GLN D 108 -21.30 -5.18 9.64
N LEU D 109 -21.23 -3.89 9.24
CA LEU D 109 -22.04 -2.78 9.77
C LEU D 109 -23.06 -2.21 8.78
N GLU D 110 -23.03 -2.63 7.49
CA GLU D 110 -23.96 -2.15 6.45
C GLU D 110 -25.43 -2.24 6.84
N GLU D 111 -25.94 -3.47 7.11
CA GLU D 111 -27.33 -3.75 7.52
C GLU D 111 -27.67 -2.97 8.77
N ASP D 112 -26.78 -3.04 9.78
CA ASP D 112 -26.89 -2.38 11.09
C ASP D 112 -27.12 -0.86 10.93
N ILE D 113 -26.32 -0.22 10.06
CA ILE D 113 -26.44 1.21 9.72
C ILE D 113 -27.76 1.45 8.97
N SER D 114 -27.97 0.75 7.80
CA SER D 114 -29.14 0.88 6.91
C SER D 114 -30.50 0.81 7.63
N LYS D 115 -30.64 -0.04 8.67
CA LYS D 115 -31.85 -0.22 9.48
C LYS D 115 -32.27 1.02 10.30
N PHE D 116 -31.50 2.12 10.22
CA PHE D 116 -31.83 3.39 10.88
C PHE D 116 -32.38 4.41 9.87
N ALA D 117 -33.11 5.41 10.31
CA ALA D 117 -33.63 6.44 9.43
C ALA D 117 -32.60 7.56 9.20
N GLU D 118 -31.75 7.85 10.21
CA GLU D 118 -30.66 8.85 10.13
C GLU D 118 -29.34 8.22 9.66
N LYS D 119 -29.41 6.90 9.37
CA LYS D 119 -28.35 6.00 8.90
C LYS D 119 -27.11 6.03 9.82
N ASP D 120 -25.92 6.42 9.24
CA ASP D 120 -24.61 6.58 9.88
C ASP D 120 -24.56 7.86 10.72
N ASN D 121 -25.52 8.78 10.50
CA ASN D 121 -25.63 10.06 11.20
C ASN D 121 -26.49 9.92 12.48
N ILE D 122 -26.67 8.66 12.95
CA ILE D 122 -27.46 8.41 14.15
C ILE D 122 -26.66 8.72 15.42
N VAL D 123 -27.28 9.44 16.36
CA VAL D 123 -26.62 9.84 17.61
C VAL D 123 -26.69 8.72 18.67
N LEU D 124 -25.52 8.40 19.28
CA LEU D 124 -25.36 7.31 20.26
C LEU D 124 -25.13 7.78 21.71
N GLY D 125 -25.37 9.07 22.01
CA GLY D 125 -25.25 9.61 23.35
C GLY D 125 -26.42 9.25 24.27
N GLU D 126 -26.51 9.93 25.44
CA GLU D 126 -27.55 9.73 26.45
C GLU D 126 -28.97 9.92 25.92
N GLY D 127 -29.15 10.90 25.04
CA GLY D 127 -30.43 11.17 24.39
C GLY D 127 -30.56 10.40 23.10
N GLY D 128 -29.47 9.74 22.70
CA GLY D 128 -29.43 8.95 21.47
C GLY D 128 -29.93 7.51 21.63
N ILE D 129 -29.60 6.65 20.69
CA ILE D 129 -29.88 5.23 20.61
C ILE D 129 -28.79 4.51 21.37
N THR D 130 -29.17 3.35 21.89
CA THR D 130 -28.27 2.45 22.60
C THR D 130 -28.05 1.25 21.70
N LEU D 131 -26.78 0.93 21.46
CA LEU D 131 -26.51 -0.18 20.58
C LEU D 131 -26.16 -1.45 21.34
N SER D 132 -26.53 -2.61 20.74
CA SER D 132 -26.24 -3.92 21.29
C SER D 132 -24.74 -4.15 21.58
N GLY D 133 -24.46 -5.11 22.46
CA GLY D 133 -23.10 -5.48 22.85
C GLY D 133 -22.21 -5.90 21.69
N GLY D 134 -22.85 -6.29 20.58
CA GLY D 134 -22.21 -6.74 19.36
C GLY D 134 -22.09 -5.68 18.28
N GLN D 135 -22.89 -4.60 18.37
CA GLN D 135 -22.85 -3.46 17.45
C GLN D 135 -21.76 -2.50 17.91
N ARG D 136 -21.60 -2.40 19.25
CA ARG D 136 -20.56 -1.63 19.94
C ARG D 136 -19.21 -2.23 19.53
N ALA D 137 -19.11 -3.59 19.52
CA ALA D 137 -17.94 -4.37 19.14
C ALA D 137 -17.52 -4.18 17.67
N ARG D 138 -18.50 -3.95 16.76
CA ARG D 138 -18.27 -3.75 15.32
C ARG D 138 -17.89 -2.33 15.03
N ILE D 139 -18.47 -1.37 15.78
CA ILE D 139 -18.14 0.03 15.63
C ILE D 139 -16.72 0.30 16.15
N SER D 140 -16.33 -0.43 17.23
CA SER D 140 -15.01 -0.32 17.83
C SER D 140 -13.94 -0.89 16.92
N LEU D 141 -14.18 -2.07 16.32
CA LEU D 141 -13.22 -2.67 15.40
C LEU D 141 -13.19 -1.87 14.09
N ALA D 142 -14.33 -1.23 13.72
CA ALA D 142 -14.37 -0.34 12.56
C ALA D 142 -13.45 0.85 12.81
N ARG D 143 -13.54 1.45 14.03
CA ARG D 143 -12.74 2.60 14.47
C ARG D 143 -11.25 2.35 14.31
N ALA D 144 -10.84 1.12 14.62
CA ALA D 144 -9.47 0.63 14.57
C ALA D 144 -8.98 0.38 13.14
N VAL D 145 -9.69 -0.48 12.36
CA VAL D 145 -9.28 -0.85 10.98
C VAL D 145 -9.33 0.35 10.00
N TYR D 146 -10.01 1.45 10.39
CA TYR D 146 -10.08 2.67 9.60
C TYR D 146 -8.75 3.41 9.67
N LYS D 147 -8.32 3.76 10.92
CA LYS D 147 -7.11 4.52 11.29
C LYS D 147 -5.89 3.91 10.65
N ASP D 148 -5.29 4.65 9.70
CA ASP D 148 -4.11 4.20 8.96
C ASP D 148 -2.92 4.18 9.92
N ALA D 149 -2.49 2.98 10.31
CA ALA D 149 -1.35 2.77 11.21
C ALA D 149 -0.47 1.66 10.65
N ASP D 150 0.79 1.57 11.11
CA ASP D 150 1.78 0.56 10.72
C ASP D 150 1.58 -0.77 11.47
N LEU D 151 1.15 -0.68 12.75
CA LEU D 151 0.90 -1.85 13.58
C LEU D 151 -0.52 -1.84 14.16
N TYR D 152 -1.24 -2.97 14.00
CA TYR D 152 -2.59 -3.13 14.51
C TYR D 152 -2.66 -4.09 15.70
N LEU D 153 -3.09 -3.59 16.88
CA LEU D 153 -3.20 -4.39 18.12
C LEU D 153 -4.68 -4.66 18.46
N LEU D 154 -5.10 -5.90 18.26
CA LEU D 154 -6.50 -6.28 18.49
C LEU D 154 -6.60 -7.19 19.69
N ASP D 155 -7.38 -6.75 20.66
CA ASP D 155 -7.51 -7.51 21.88
C ASP D 155 -8.89 -8.09 21.93
N SER D 156 -9.04 -9.34 21.46
CA SER D 156 -10.32 -10.10 21.43
C SER D 156 -11.52 -9.23 21.05
N PRO D 157 -11.44 -8.76 19.79
CA PRO D 157 -12.54 -7.92 19.26
C PRO D 157 -13.85 -8.63 18.99
N PHE D 158 -13.78 -9.95 18.93
CA PHE D 158 -14.92 -10.85 18.67
C PHE D 158 -15.54 -11.50 19.87
N GLY D 159 -15.13 -11.07 21.06
CA GLY D 159 -15.64 -11.64 22.31
C GLY D 159 -17.15 -11.64 22.51
N TYR D 160 -17.82 -10.54 22.08
CA TYR D 160 -19.27 -10.40 22.23
C TYR D 160 -20.01 -10.59 20.89
N LEU D 161 -19.30 -11.08 19.86
CA LEU D 161 -19.82 -11.30 18.50
C LEU D 161 -20.16 -12.76 18.24
N ASP D 162 -21.20 -13.01 17.41
CA ASP D 162 -21.59 -14.37 17.01
C ASP D 162 -20.53 -15.00 16.14
N VAL D 163 -20.46 -16.34 16.13
CA VAL D 163 -19.44 -17.06 15.39
C VAL D 163 -19.60 -16.91 13.86
N LEU D 164 -20.79 -16.65 13.35
CA LEU D 164 -20.97 -16.46 11.91
C LEU D 164 -20.42 -15.10 11.49
N THR D 165 -20.63 -14.03 12.31
CA THR D 165 -20.17 -12.64 12.08
C THR D 165 -18.65 -12.52 12.26
N GLU D 166 -18.09 -13.06 13.37
CA GLU D 166 -16.66 -13.08 13.68
C GLU D 166 -15.90 -13.75 12.52
N LYS D 167 -16.55 -14.78 11.89
CA LYS D 167 -16.04 -15.54 10.74
C LYS D 167 -15.93 -14.59 9.60
N GLU D 168 -17.01 -13.86 9.29
CA GLU D 168 -17.04 -12.89 8.22
C GLU D 168 -16.11 -11.74 8.45
N ILE D 169 -15.93 -11.25 9.69
CA ILE D 169 -15.03 -10.12 9.93
C ILE D 169 -13.61 -10.57 9.78
N PHE D 170 -13.16 -11.50 10.63
CA PHE D 170 -11.80 -12.02 10.63
C PHE D 170 -11.31 -12.43 9.24
N GLU D 171 -12.19 -13.11 8.49
CA GLU D 171 -11.82 -13.52 7.14
C GLU D 171 -11.66 -12.33 6.22
N SER D 172 -12.54 -11.34 6.35
CA SER D 172 -12.51 -10.20 5.45
C SER D 172 -11.82 -8.94 5.98
N CYS D 173 -11.23 -9.00 7.16
CA CYS D 173 -10.68 -7.84 7.79
C CYS D 173 -9.23 -8.11 8.08
N VAL D 174 -9.02 -8.96 9.06
CA VAL D 174 -7.73 -9.34 9.55
C VAL D 174 -7.01 -10.10 8.48
N CYS D 175 -7.69 -10.81 7.63
CA CYS D 175 -7.05 -11.67 6.63
C CYS D 175 -7.18 -11.11 5.21
N LYS D 176 -7.78 -9.93 5.07
CA LYS D 176 -7.91 -9.37 3.72
C LYS D 176 -7.63 -7.89 3.73
N LEU D 177 -8.52 -7.11 4.38
CA LEU D 177 -8.39 -5.66 4.46
C LEU D 177 -7.03 -5.25 5.05
N MET D 178 -6.54 -5.99 6.06
CA MET D 178 -5.28 -5.73 6.74
C MET D 178 -4.19 -6.71 6.37
N ALA D 179 -4.38 -7.47 5.26
CA ALA D 179 -3.45 -8.51 4.77
C ALA D 179 -2.02 -8.04 4.49
N ASN D 180 -1.79 -6.74 4.25
CA ASN D 180 -0.41 -6.29 4.03
C ASN D 180 0.09 -5.41 5.21
N LYS D 181 -0.75 -5.25 6.26
CA LYS D 181 -0.48 -4.52 7.50
C LYS D 181 -0.07 -5.56 8.60
N THR D 182 0.79 -5.18 9.55
CA THR D 182 1.19 -6.11 10.62
C THR D 182 0.13 -6.11 11.69
N ARG D 183 -0.24 -7.30 12.17
CA ARG D 183 -1.32 -7.44 13.14
C ARG D 183 -0.96 -8.37 14.28
N ILE D 184 -1.58 -8.13 15.47
CA ILE D 184 -1.42 -8.95 16.65
C ILE D 184 -2.82 -9.23 17.17
N LEU D 185 -3.28 -10.47 17.02
CA LEU D 185 -4.63 -10.82 17.46
C LEU D 185 -4.64 -11.69 18.72
N VAL D 186 -5.33 -11.20 19.75
CA VAL D 186 -5.55 -11.88 21.02
C VAL D 186 -6.79 -12.72 20.72
N THR D 187 -6.61 -14.06 20.68
CA THR D 187 -7.66 -15.05 20.41
C THR D 187 -7.22 -16.43 20.93
N SER D 188 -8.21 -17.24 21.35
CA SER D 188 -7.96 -18.61 21.82
C SER D 188 -8.32 -19.54 20.66
N LYS D 189 -9.30 -19.10 19.83
CA LYS D 189 -9.83 -19.78 18.67
C LYS D 189 -8.76 -20.45 17.80
N MET D 190 -8.88 -21.78 17.69
CA MET D 190 -8.00 -22.64 16.92
C MET D 190 -8.12 -22.30 15.45
N GLU D 191 -9.35 -21.89 15.03
CA GLU D 191 -9.70 -21.42 13.67
C GLU D 191 -8.84 -20.23 13.26
N HIS D 192 -8.50 -19.37 14.26
CA HIS D 192 -7.70 -18.17 14.08
C HIS D 192 -6.22 -18.48 14.08
N LEU D 193 -5.77 -19.29 15.04
CA LEU D 193 -4.37 -19.68 15.15
C LEU D 193 -3.96 -20.55 13.97
N LYS D 194 -4.96 -21.11 13.23
CA LYS D 194 -4.72 -21.92 12.05
C LYS D 194 -4.29 -21.00 10.90
N LYS D 195 -4.61 -19.68 10.99
CA LYS D 195 -4.31 -18.71 9.95
C LYS D 195 -3.09 -17.82 10.26
N ALA D 196 -2.68 -17.68 11.55
CA ALA D 196 -1.55 -16.83 11.95
C ALA D 196 -0.21 -17.24 11.30
N ASP D 197 0.74 -16.29 11.22
CA ASP D 197 2.10 -16.47 10.71
C ASP D 197 2.99 -16.92 11.87
N LYS D 198 2.75 -16.35 13.06
CA LYS D 198 3.43 -16.67 14.31
C LYS D 198 2.40 -16.82 15.43
N ILE D 199 2.68 -17.70 16.39
CA ILE D 199 1.84 -17.97 17.55
C ILE D 199 2.67 -17.79 18.81
N LEU D 200 2.11 -17.05 19.76
CA LEU D 200 2.70 -16.80 21.07
C LEU D 200 1.65 -17.25 22.08
N ILE D 201 2.05 -18.03 23.08
CA ILE D 201 1.16 -18.56 24.09
C ILE D 201 1.72 -18.29 25.49
N LEU D 202 0.89 -17.72 26.38
CA LEU D 202 1.29 -17.39 27.76
C LEU D 202 0.45 -18.14 28.82
N HIS D 203 0.98 -18.26 30.05
CA HIS D 203 0.36 -18.79 31.28
C HIS D 203 1.11 -18.17 32.45
N GLU D 204 0.45 -17.24 33.21
CA GLU D 204 1.02 -16.52 34.35
C GLU D 204 2.29 -15.70 33.99
N GLY D 205 2.32 -15.20 32.75
CA GLY D 205 3.41 -14.39 32.20
C GLY D 205 4.42 -15.15 31.34
N SER D 206 4.79 -16.35 31.76
CA SER D 206 5.70 -17.31 31.11
C SER D 206 5.16 -17.86 29.75
N SER D 207 5.99 -17.75 28.71
CA SER D 207 5.64 -18.21 27.37
C SER D 207 5.84 -19.71 27.24
N TYR D 208 4.72 -20.43 27.29
CA TYR D 208 4.67 -21.89 27.22
C TYR D 208 4.98 -22.42 25.79
N PHE D 209 4.78 -21.58 24.77
CA PHE D 209 4.99 -21.89 23.35
C PHE D 209 5.15 -20.58 22.59
N TYR D 210 5.96 -20.62 21.55
CA TYR D 210 6.23 -19.61 20.55
C TYR D 210 6.73 -20.27 19.27
N GLY D 211 6.11 -19.87 18.16
CA GLY D 211 6.45 -20.42 16.86
C GLY D 211 5.30 -20.54 15.88
N THR D 212 5.53 -21.33 14.78
CA THR D 212 4.54 -21.52 13.72
C THR D 212 3.39 -22.40 14.18
N PHE D 213 2.27 -22.38 13.42
CA PHE D 213 1.11 -23.24 13.70
C PHE D 213 1.49 -24.68 13.41
N SER D 214 2.59 -24.90 12.64
CA SER D 214 3.07 -26.25 12.36
C SER D 214 3.70 -26.84 13.62
N GLU D 215 4.47 -26.01 14.35
CA GLU D 215 5.08 -26.46 15.59
C GLU D 215 3.99 -26.84 16.61
N LEU D 216 2.87 -26.08 16.64
CA LEU D 216 1.75 -26.31 17.56
C LEU D 216 1.02 -27.60 17.26
N GLN D 217 0.45 -27.72 16.03
CA GLN D 217 -0.28 -28.91 15.55
C GLN D 217 0.50 -30.20 15.82
N ASN D 218 1.85 -30.05 16.00
CA ASN D 218 2.82 -31.10 16.30
C ASN D 218 2.98 -31.36 17.82
N LEU D 219 1.90 -31.13 18.61
CA LEU D 219 1.84 -31.34 20.06
C LEU D 219 0.57 -32.09 20.46
N GLN E 1 -15.94 -37.68 21.31
CA GLN E 1 -15.86 -37.46 22.75
C GLN E 1 -16.41 -36.09 23.19
N VAL E 2 -16.97 -35.26 22.29
CA VAL E 2 -17.54 -33.94 22.58
C VAL E 2 -18.74 -33.75 21.69
N GLN E 3 -19.94 -33.73 22.31
CA GLN E 3 -21.20 -33.63 21.58
C GLN E 3 -22.11 -32.51 22.06
N LEU E 4 -22.70 -31.77 21.11
CA LEU E 4 -23.71 -30.75 21.41
C LEU E 4 -25.06 -31.41 21.11
N GLN E 5 -25.98 -31.43 22.11
CA GLN E 5 -27.27 -32.12 21.99
C GLN E 5 -28.50 -31.23 22.16
N GLU E 6 -29.31 -31.09 21.09
CA GLU E 6 -30.55 -30.29 21.06
C GLU E 6 -31.78 -31.00 21.64
N SER E 7 -32.71 -30.20 22.20
CA SER E 7 -33.97 -30.64 22.81
C SER E 7 -35.01 -29.52 22.57
N GLY E 8 -36.29 -29.78 22.82
CA GLY E 8 -37.34 -28.78 22.72
C GLY E 8 -38.00 -28.44 21.40
N GLY E 9 -37.38 -28.81 20.27
CA GLY E 9 -37.93 -28.49 18.96
C GLY E 9 -39.18 -29.26 18.58
N GLY E 10 -39.83 -28.85 17.50
CA GLY E 10 -41.02 -29.51 17.01
C GLY E 10 -42.07 -28.63 16.38
N LEU E 11 -43.34 -29.07 16.48
CA LEU E 11 -44.51 -28.40 15.91
C LEU E 11 -45.38 -27.68 16.96
N VAL E 12 -45.63 -26.38 16.72
CA VAL E 12 -46.50 -25.48 17.51
C VAL E 12 -47.34 -24.59 16.58
N GLN E 13 -48.34 -23.89 17.14
CA GLN E 13 -49.17 -22.95 16.38
C GLN E 13 -48.66 -21.56 16.65
N ALA E 14 -48.94 -20.61 15.74
CA ALA E 14 -48.62 -19.20 15.93
C ALA E 14 -49.20 -18.68 17.25
N GLY E 15 -48.44 -17.89 17.99
CA GLY E 15 -48.84 -17.34 19.27
C GLY E 15 -48.47 -18.15 20.50
N SER E 16 -47.95 -19.37 20.34
CA SER E 16 -47.55 -20.25 21.46
C SER E 16 -46.02 -20.23 21.70
N SER E 17 -45.55 -20.80 22.82
CA SER E 17 -44.14 -20.80 23.21
C SER E 17 -43.44 -22.16 23.16
N LEU E 18 -42.09 -22.15 23.08
CA LEU E 18 -41.26 -23.35 23.00
C LEU E 18 -39.97 -23.14 23.79
N ARG E 19 -39.34 -24.22 24.28
CA ARG E 19 -38.10 -24.11 25.04
C ARG E 19 -37.07 -25.06 24.51
N LEU E 20 -36.07 -24.50 23.83
CA LEU E 20 -34.95 -25.29 23.30
C LEU E 20 -33.88 -25.49 24.38
N ALA E 21 -32.97 -26.45 24.17
CA ALA E 21 -31.89 -26.79 25.08
C ALA E 21 -30.70 -27.36 24.31
N CYS E 22 -29.49 -27.20 24.85
CA CYS E 22 -28.28 -27.66 24.19
C CYS E 22 -27.22 -27.94 25.22
N ALA E 23 -26.89 -29.22 25.41
CA ALA E 23 -25.92 -29.67 26.38
C ALA E 23 -24.69 -30.23 25.73
N ALA E 24 -23.54 -29.82 26.29
CA ALA E 24 -22.21 -30.28 25.88
C ALA E 24 -21.78 -31.37 26.87
N THR E 25 -21.52 -32.56 26.34
CA THR E 25 -21.08 -33.69 27.16
C THR E 25 -19.74 -34.12 26.65
N GLY E 26 -18.91 -34.57 27.57
CA GLY E 26 -17.60 -35.06 27.18
C GLY E 26 -16.54 -34.49 28.06
N SER E 27 -15.30 -34.49 27.57
CA SER E 27 -14.17 -33.98 28.30
C SER E 27 -14.21 -32.50 28.09
N ILE E 28 -14.93 -31.79 28.96
CA ILE E 28 -15.10 -30.35 28.82
C ILE E 28 -14.32 -29.67 29.92
N ARG E 29 -13.25 -28.91 29.53
CA ARG E 29 -12.45 -28.17 30.49
C ARG E 29 -13.19 -26.84 30.83
N SER E 30 -13.52 -26.05 29.80
CA SER E 30 -14.28 -24.80 29.92
C SER E 30 -14.83 -24.41 28.56
N ILE E 31 -15.99 -23.72 28.58
CA ILE E 31 -16.69 -23.28 27.38
C ILE E 31 -16.82 -21.78 27.47
N ASN E 32 -16.48 -21.04 26.42
CA ASN E 32 -16.55 -19.59 26.47
C ASN E 32 -17.89 -19.02 26.11
N ASN E 33 -18.30 -19.19 24.87
CA ASN E 33 -19.51 -18.55 24.37
C ASN E 33 -20.44 -19.56 23.82
N MET E 34 -21.73 -19.32 24.02
CA MET E 34 -22.73 -20.24 23.49
C MET E 34 -23.76 -19.46 22.71
N GLY E 35 -24.26 -20.05 21.61
CA GLY E 35 -25.23 -19.34 20.79
C GLY E 35 -26.22 -20.24 20.09
N TRP E 36 -27.41 -19.67 19.81
CA TRP E 36 -28.52 -20.31 19.09
C TRP E 36 -28.63 -19.68 17.72
N TYR E 37 -28.68 -20.52 16.69
CA TYR E 37 -28.74 -20.10 15.30
C TYR E 37 -29.88 -20.79 14.62
N ARG E 38 -30.34 -20.24 13.50
CA ARG E 38 -31.41 -20.88 12.76
C ARG E 38 -31.17 -20.67 11.29
N GLN E 39 -31.50 -21.68 10.49
CA GLN E 39 -31.33 -21.60 9.05
C GLN E 39 -32.70 -21.84 8.46
N ALA E 40 -33.24 -20.82 7.75
CA ALA E 40 -34.54 -20.95 7.15
C ALA E 40 -34.40 -21.78 5.86
N PRO E 41 -35.46 -22.40 5.34
CA PRO E 41 -35.27 -23.23 4.13
C PRO E 41 -34.86 -22.39 2.95
N GLY E 42 -33.67 -22.72 2.43
CA GLY E 42 -33.09 -22.04 1.28
C GLY E 42 -32.20 -20.84 1.59
N LYS E 43 -32.40 -20.23 2.78
CA LYS E 43 -31.66 -19.05 3.21
C LYS E 43 -30.42 -19.45 3.99
N GLN E 44 -29.50 -18.47 4.14
CA GLN E 44 -28.25 -18.68 4.86
C GLN E 44 -28.49 -18.73 6.37
N ARG E 45 -27.58 -19.38 7.11
CA ARG E 45 -27.76 -19.48 8.55
C ARG E 45 -27.63 -18.11 9.20
N GLY E 46 -28.42 -17.89 10.23
CA GLY E 46 -28.38 -16.65 10.98
C GLY E 46 -28.49 -16.88 12.47
N MET E 47 -27.89 -15.97 13.26
CA MET E 47 -27.93 -16.01 14.72
C MET E 47 -29.35 -15.68 15.18
N VAL E 48 -29.72 -16.23 16.35
CA VAL E 48 -30.99 -15.89 16.97
C VAL E 48 -30.61 -15.14 18.24
N ALA E 49 -29.71 -15.76 19.03
CA ALA E 49 -29.24 -15.15 20.27
C ALA E 49 -27.91 -15.73 20.62
N ILE E 50 -27.12 -14.96 21.40
CA ILE E 50 -25.82 -15.45 21.88
C ILE E 50 -25.63 -15.06 23.34
N ILE E 51 -24.95 -15.91 24.09
CA ILE E 51 -24.68 -15.72 25.52
C ILE E 51 -23.19 -15.91 25.83
N THR E 52 -22.56 -14.91 26.49
CA THR E 52 -21.14 -15.03 26.85
C THR E 52 -21.02 -15.86 28.10
N ARG E 53 -19.78 -16.10 28.59
CA ARG E 53 -19.52 -16.85 29.81
C ARG E 53 -20.21 -16.21 31.02
N VAL E 54 -20.16 -14.87 31.09
CA VAL E 54 -20.74 -14.00 32.12
C VAL E 54 -22.27 -13.95 31.99
N GLY E 55 -22.76 -14.08 30.76
CA GLY E 55 -24.18 -14.05 30.47
C GLY E 55 -24.66 -12.81 29.76
N ASN E 56 -23.83 -12.22 28.88
CA ASN E 56 -24.24 -11.04 28.12
C ASN E 56 -25.06 -11.55 26.93
N THR E 57 -26.23 -10.95 26.71
CA THR E 57 -27.17 -11.48 25.74
C THR E 57 -27.48 -10.59 24.54
N ASP E 58 -26.93 -10.96 23.38
CA ASP E 58 -27.21 -10.28 22.12
C ASP E 58 -28.25 -11.11 21.40
N TYR E 59 -29.24 -10.45 20.79
CA TYR E 59 -30.31 -11.12 20.04
C TYR E 59 -30.43 -10.50 18.66
N ALA E 60 -31.05 -11.26 17.73
CA ALA E 60 -31.38 -10.82 16.38
C ALA E 60 -32.59 -9.92 16.51
N ASP E 61 -32.77 -8.99 15.57
CA ASP E 61 -33.92 -8.06 15.62
C ASP E 61 -35.28 -8.78 15.46
N SER E 62 -35.31 -9.80 14.59
CA SER E 62 -36.47 -10.63 14.28
C SER E 62 -37.08 -11.34 15.48
N VAL E 63 -36.37 -11.39 16.63
CA VAL E 63 -36.82 -12.14 17.80
C VAL E 63 -36.87 -11.35 19.11
N LYS E 64 -36.26 -10.16 19.13
CA LYS E 64 -36.15 -9.31 20.33
C LYS E 64 -37.47 -9.13 21.07
N GLY E 65 -37.41 -9.31 22.38
CA GLY E 65 -38.55 -9.17 23.28
C GLY E 65 -39.35 -10.44 23.52
N ARG E 66 -39.30 -11.38 22.55
CA ARG E 66 -40.03 -12.66 22.59
C ARG E 66 -39.14 -13.79 23.06
N PHE E 67 -38.01 -13.99 22.36
CA PHE E 67 -37.08 -15.05 22.74
C PHE E 67 -36.13 -14.52 23.80
N THR E 68 -35.83 -15.36 24.78
CA THR E 68 -34.92 -15.10 25.90
C THR E 68 -33.87 -16.21 25.88
N ILE E 69 -32.64 -15.92 26.30
CA ILE E 69 -31.59 -16.93 26.35
C ILE E 69 -31.11 -17.08 27.80
N SER E 70 -30.57 -18.25 28.13
CA SER E 70 -30.02 -18.58 29.43
C SER E 70 -28.99 -19.68 29.22
N ARG E 71 -28.03 -19.76 30.13
CA ARG E 71 -26.99 -20.78 30.13
C ARG E 71 -26.67 -21.13 31.58
N ASP E 72 -26.42 -22.41 31.82
CA ASP E 72 -26.02 -22.92 33.12
C ASP E 72 -24.57 -23.35 32.97
N ASN E 73 -23.66 -22.64 33.64
CA ASN E 73 -22.22 -22.91 33.57
C ASN E 73 -21.80 -24.20 34.29
N ALA E 74 -22.70 -24.78 35.10
CA ALA E 74 -22.43 -26.02 35.83
C ALA E 74 -22.85 -27.26 35.01
N LYS E 75 -23.94 -27.16 34.22
CA LYS E 75 -24.48 -28.24 33.39
C LYS E 75 -24.04 -28.16 31.91
N ASN E 76 -23.41 -27.03 31.48
CA ASN E 76 -22.97 -26.73 30.10
C ASN E 76 -24.18 -26.71 29.14
N THR E 77 -25.33 -26.21 29.61
CA THR E 77 -26.54 -26.21 28.80
C THR E 77 -27.09 -24.82 28.55
N VAL E 78 -27.22 -24.48 27.26
CA VAL E 78 -27.78 -23.22 26.78
C VAL E 78 -29.24 -23.44 26.36
N TYR E 79 -30.15 -22.62 26.89
CA TYR E 79 -31.57 -22.70 26.59
C TYR E 79 -32.01 -21.50 25.77
N LEU E 80 -33.07 -21.68 24.98
CA LEU E 80 -33.65 -20.61 24.19
C LEU E 80 -35.14 -20.62 24.45
N GLN E 81 -35.57 -19.74 25.37
CA GLN E 81 -36.98 -19.60 25.69
C GLN E 81 -37.62 -18.81 24.55
N MET E 82 -38.29 -19.54 23.65
CA MET E 82 -38.96 -19.02 22.46
C MET E 82 -40.43 -18.73 22.72
N ASN E 83 -40.72 -17.56 23.31
CA ASN E 83 -42.10 -17.16 23.57
C ASN E 83 -42.65 -16.43 22.36
N SER E 84 -43.98 -16.25 22.31
CA SER E 84 -44.73 -15.55 21.25
C SER E 84 -44.21 -15.86 19.84
N LEU E 85 -44.24 -17.15 19.47
CA LEU E 85 -43.76 -17.62 18.17
C LEU E 85 -44.59 -17.14 17.01
N LYS E 86 -43.92 -16.75 15.95
CA LYS E 86 -44.46 -16.25 14.70
C LYS E 86 -44.29 -17.37 13.67
N PRO E 87 -45.16 -17.45 12.63
CA PRO E 87 -44.96 -18.47 11.59
C PRO E 87 -43.63 -18.25 10.87
N GLU E 88 -43.16 -16.98 10.84
CA GLU E 88 -41.90 -16.55 10.25
C GLU E 88 -40.69 -17.11 11.03
N ASP E 89 -40.92 -17.62 12.26
CA ASP E 89 -39.88 -18.21 13.11
C ASP E 89 -39.49 -19.63 12.72
N THR E 90 -40.27 -20.26 11.82
CA THR E 90 -40.04 -21.61 11.26
C THR E 90 -38.69 -21.70 10.53
N ALA E 91 -37.81 -22.54 11.08
CA ALA E 91 -36.46 -22.83 10.60
C ALA E 91 -35.91 -24.06 11.37
N THR E 92 -34.64 -24.44 11.09
CA THR E 92 -33.95 -25.52 11.77
C THR E 92 -32.98 -24.81 12.70
N TYR E 93 -33.22 -24.96 14.00
CA TYR E 93 -32.42 -24.29 15.01
C TYR E 93 -31.19 -25.13 15.37
N TYR E 94 -29.99 -24.54 15.25
CA TYR E 94 -28.68 -25.16 15.54
C TYR E 94 -28.04 -24.51 16.76
N CYS E 95 -27.12 -25.23 17.41
CA CYS E 95 -26.42 -24.79 18.61
C CYS E 95 -24.90 -24.70 18.44
N HIS E 96 -24.29 -23.65 19.03
CA HIS E 96 -22.85 -23.42 18.95
C HIS E 96 -22.23 -23.20 20.33
N ALA E 97 -21.01 -23.75 20.53
CA ALA E 97 -20.22 -23.60 21.75
C ALA E 97 -18.70 -23.65 21.48
N GLU E 98 -17.98 -22.64 22.02
CA GLU E 98 -16.52 -22.54 21.93
C GLU E 98 -16.02 -23.37 23.09
N ILE E 99 -15.53 -24.59 22.79
CA ILE E 99 -15.14 -25.56 23.81
C ILE E 99 -13.65 -25.90 23.85
N THR E 100 -13.10 -25.87 25.08
CA THR E 100 -11.76 -26.31 25.38
C THR E 100 -11.94 -27.73 25.89
N GLU E 101 -11.27 -28.69 25.23
CA GLU E 101 -11.30 -30.11 25.59
C GLU E 101 -10.28 -30.33 26.64
N GLN E 102 -10.52 -31.32 27.49
CA GLN E 102 -9.57 -31.54 28.58
C GLN E 102 -8.22 -31.97 28.05
N SER E 103 -8.21 -32.71 26.91
CA SER E 103 -6.95 -33.20 26.31
C SER E 103 -6.03 -32.08 25.91
N ARG E 104 -6.65 -30.95 25.52
CA ARG E 104 -5.91 -29.77 25.11
C ARG E 104 -5.00 -29.23 26.22
N PRO E 105 -3.67 -29.17 25.90
CA PRO E 105 -2.66 -28.69 26.87
C PRO E 105 -2.52 -27.15 27.05
N PHE E 106 -3.53 -26.39 26.58
CA PHE E 106 -3.61 -24.94 26.66
C PHE E 106 -5.07 -24.52 26.65
N TYR E 107 -5.36 -23.30 27.19
CA TYR E 107 -6.67 -22.65 27.13
C TYR E 107 -6.69 -22.04 25.74
N LEU E 108 -7.36 -22.76 24.81
CA LEU E 108 -7.57 -22.48 23.38
C LEU E 108 -8.90 -23.18 23.02
N THR E 109 -9.96 -22.44 22.62
CA THR E 109 -11.27 -23.08 22.31
C THR E 109 -11.35 -23.67 20.91
N ASP E 110 -12.50 -24.30 20.61
CA ASP E 110 -12.84 -24.93 19.33
C ASP E 110 -14.33 -24.80 19.09
N ASP E 111 -14.72 -24.48 17.85
CA ASP E 111 -16.12 -24.32 17.47
C ASP E 111 -16.81 -25.66 17.26
N TYR E 112 -17.96 -25.81 17.90
CA TYR E 112 -18.75 -27.04 17.92
C TYR E 112 -20.19 -26.76 17.55
N TRP E 113 -20.74 -27.51 16.61
CA TRP E 113 -22.15 -27.33 16.23
C TRP E 113 -22.98 -28.51 16.71
N GLY E 114 -24.28 -28.28 16.83
CA GLY E 114 -25.26 -29.29 17.23
C GLY E 114 -25.89 -29.96 16.03
N GLN E 115 -26.83 -30.88 16.28
CA GLN E 115 -27.51 -31.66 15.24
C GLN E 115 -28.54 -30.84 14.44
N GLY E 116 -29.32 -30.03 15.14
CA GLY E 116 -30.39 -29.23 14.57
C GLY E 116 -31.74 -29.68 15.08
N THR E 117 -32.51 -28.77 15.71
CA THR E 117 -33.83 -29.08 16.23
C THR E 117 -34.90 -28.36 15.36
N GLN E 118 -35.49 -29.09 14.36
CA GLN E 118 -36.53 -28.51 13.49
C GLN E 118 -37.67 -27.91 14.32
N VAL E 119 -37.96 -26.61 14.09
CA VAL E 119 -39.04 -25.85 14.73
C VAL E 119 -40.00 -25.40 13.65
N THR E 120 -41.26 -25.86 13.72
CA THR E 120 -42.33 -25.56 12.77
C THR E 120 -43.46 -24.85 13.51
N VAL E 121 -43.81 -23.64 13.05
CA VAL E 121 -44.86 -22.78 13.61
C VAL E 121 -46.03 -22.64 12.60
N SER E 122 -47.28 -22.96 13.05
CA SER E 122 -48.49 -22.93 12.23
C SER E 122 -49.13 -21.55 12.07
N GLN F 1 -18.32 5.01 41.35
CA GLN F 1 -18.42 6.30 40.65
C GLN F 1 -17.03 6.85 40.27
N VAL F 2 -17.01 7.96 39.52
CA VAL F 2 -15.78 8.65 39.14
C VAL F 2 -15.93 10.14 39.47
N GLN F 3 -14.82 10.82 39.79
CA GLN F 3 -14.86 12.25 40.14
C GLN F 3 -13.95 13.05 39.21
N LEU F 4 -14.56 13.63 38.11
CA LEU F 4 -13.83 14.47 37.13
C LEU F 4 -13.78 15.93 37.51
N GLN F 5 -12.58 16.49 37.82
CA GLN F 5 -12.48 17.89 38.20
C GLN F 5 -11.71 18.73 37.19
N GLU F 6 -12.45 19.65 36.54
CA GLU F 6 -11.89 20.55 35.53
C GLU F 6 -11.25 21.79 36.17
N SER F 7 -10.26 22.36 35.47
CA SER F 7 -9.50 23.55 35.89
C SER F 7 -9.00 24.27 34.63
N GLY F 8 -8.63 25.53 34.76
CA GLY F 8 -7.99 26.30 33.70
C GLY F 8 -8.84 27.10 32.73
N GLY F 9 -10.11 27.23 32.98
CA GLY F 9 -10.95 28.03 32.10
C GLY F 9 -10.76 29.55 32.20
N GLY F 10 -11.62 30.33 31.53
CA GLY F 10 -11.52 31.80 31.62
C GLY F 10 -11.96 32.63 30.44
N LEU F 11 -11.49 33.90 30.38
CA LEU F 11 -11.79 34.90 29.36
C LEU F 11 -10.50 35.37 28.72
N VAL F 12 -10.38 35.23 27.41
CA VAL F 12 -9.16 35.56 26.69
C VAL F 12 -9.47 36.36 25.42
N GLN F 13 -8.46 36.99 24.91
CA GLN F 13 -8.64 37.79 23.72
C GLN F 13 -8.53 36.90 22.48
N PRO F 14 -9.12 37.25 21.34
CA PRO F 14 -8.92 36.44 20.14
C PRO F 14 -7.48 36.38 19.64
N GLY F 15 -6.86 35.22 19.79
CA GLY F 15 -5.48 34.95 19.43
C GLY F 15 -4.70 34.51 20.65
N GLY F 16 -5.41 34.40 21.76
CA GLY F 16 -4.85 34.02 23.05
C GLY F 16 -4.89 32.53 23.35
N SER F 17 -4.38 32.17 24.53
CA SER F 17 -4.31 30.80 24.98
C SER F 17 -4.71 30.59 26.41
N LEU F 18 -5.28 29.40 26.66
CA LEU F 18 -5.72 28.88 27.95
C LEU F 18 -5.40 27.37 27.90
N ARG F 19 -5.17 26.80 29.06
CA ARG F 19 -4.88 25.39 29.15
C ARG F 19 -5.95 24.84 30.03
N LEU F 20 -6.43 23.64 29.70
CA LEU F 20 -7.48 23.04 30.48
C LEU F 20 -6.92 21.81 31.15
N SER F 21 -7.33 21.58 32.41
CA SER F 21 -6.90 20.44 33.20
C SER F 21 -8.13 19.70 33.69
N CYS F 22 -8.01 18.40 33.78
CA CYS F 22 -8.93 17.53 34.35
C CYS F 22 -8.32 16.41 35.05
N ALA F 23 -8.90 16.01 36.23
CA ALA F 23 -8.31 14.92 37.00
C ALA F 23 -9.37 13.91 37.37
N ALA F 24 -9.07 12.61 37.18
CA ALA F 24 -9.97 11.52 37.51
C ALA F 24 -9.61 10.93 38.86
N SER F 25 -10.61 10.70 39.72
CA SER F 25 -10.37 10.16 41.06
C SER F 25 -11.35 9.03 41.35
N SER F 30 -8.55 -0.57 32.63
CA SER F 30 -9.09 0.44 33.54
C SER F 30 -9.89 1.57 32.78
N ILE F 31 -9.20 2.62 32.26
CA ILE F 31 -9.78 3.74 31.49
C ILE F 31 -9.70 3.43 29.99
N ASN F 32 -10.85 3.58 29.30
CA ASN F 32 -11.00 3.30 27.87
C ASN F 32 -10.53 4.46 26.99
N ALA F 33 -11.04 5.67 27.28
CA ALA F 33 -10.69 6.91 26.59
C ALA F 33 -10.95 8.10 27.54
N MET F 34 -10.30 9.25 27.32
CA MET F 34 -10.48 10.46 28.13
C MET F 34 -10.28 11.65 27.21
N GLY F 35 -11.28 12.52 27.12
CA GLY F 35 -11.22 13.71 26.28
C GLY F 35 -12.02 14.89 26.78
N TRP F 36 -12.36 15.82 25.85
CA TRP F 36 -13.09 17.07 26.06
C TRP F 36 -14.18 17.26 25.04
N TYR F 37 -15.34 17.73 25.51
CA TYR F 37 -16.51 18.06 24.69
C TYR F 37 -16.83 19.54 24.89
N ARG F 38 -17.63 20.12 24.00
CA ARG F 38 -18.05 21.51 24.15
C ARG F 38 -19.53 21.70 23.78
N GLN F 39 -20.23 22.56 24.51
CA GLN F 39 -21.64 22.87 24.26
C GLN F 39 -21.82 24.39 24.27
N ALA F 40 -21.92 24.98 23.06
CA ALA F 40 -22.15 26.41 22.87
C ALA F 40 -23.60 26.73 23.26
N PRO F 41 -23.93 27.94 23.79
CA PRO F 41 -25.32 28.21 24.21
C PRO F 41 -26.36 27.99 23.09
N GLY F 42 -27.33 27.11 23.37
CA GLY F 42 -28.40 26.75 22.43
C GLY F 42 -28.08 25.50 21.63
N LYS F 43 -26.80 25.32 21.27
CA LYS F 43 -26.25 24.17 20.53
C LYS F 43 -26.16 22.94 21.43
N GLN F 44 -25.87 21.75 20.84
CA GLN F 44 -25.72 20.48 21.59
C GLN F 44 -24.24 20.15 21.77
N ARG F 45 -23.90 19.19 22.67
CA ARG F 45 -22.52 18.79 22.93
C ARG F 45 -21.82 18.23 21.71
N GLU F 46 -20.61 18.71 21.48
CA GLU F 46 -19.77 18.35 20.33
C GLU F 46 -18.37 18.00 20.82
N PRO F 47 -17.82 16.85 20.37
CA PRO F 47 -16.48 16.45 20.85
C PRO F 47 -15.37 17.39 20.38
N VAL F 48 -14.35 17.58 21.23
CA VAL F 48 -13.22 18.44 20.88
C VAL F 48 -11.98 17.65 20.63
N ALA F 49 -11.55 16.91 21.65
CA ALA F 49 -10.31 16.14 21.56
C ALA F 49 -10.43 14.96 22.44
N ILE F 50 -9.93 13.80 21.99
CA ILE F 50 -10.05 12.56 22.77
C ILE F 50 -8.72 11.85 22.79
N SER F 51 -8.40 11.21 23.92
CA SER F 51 -7.17 10.46 24.08
C SER F 51 -7.53 9.00 24.35
N SER F 52 -6.83 8.11 23.62
CA SER F 52 -7.11 6.69 23.67
C SER F 52 -6.17 5.85 24.50
N SER F 53 -6.56 4.54 24.56
CA SER F 53 -5.85 3.44 25.22
C SER F 53 -4.35 3.34 24.87
N GLY F 54 -3.98 3.66 23.63
CA GLY F 54 -2.59 3.66 23.19
C GLY F 54 -2.03 5.06 23.00
N GLY F 55 -2.77 6.06 23.54
CA GLY F 55 -2.44 7.48 23.45
C GLY F 55 -2.77 8.07 22.10
N ASP F 56 -3.77 7.48 21.39
CA ASP F 56 -4.20 7.93 20.08
C ASP F 56 -5.01 9.20 20.33
N THR F 57 -4.39 10.34 20.04
CA THR F 57 -4.97 11.67 20.22
C THR F 57 -5.75 12.05 18.97
N ARG F 58 -7.08 12.15 19.12
CA ARG F 58 -7.98 12.49 18.01
C ARG F 58 -8.55 13.88 18.24
N TYR F 59 -8.45 14.75 17.21
CA TYR F 59 -8.94 16.13 17.32
C TYR F 59 -10.07 16.45 16.34
N ALA F 60 -10.86 17.49 16.68
CA ALA F 60 -11.96 17.99 15.86
C ALA F 60 -11.38 18.79 14.69
N GLU F 61 -12.02 18.74 13.50
CA GLU F 61 -11.57 19.48 12.32
C GLU F 61 -11.39 20.98 12.60
N PRO F 62 -12.38 21.71 13.22
CA PRO F 62 -12.15 23.14 13.50
C PRO F 62 -11.02 23.47 14.47
N VAL F 63 -10.64 22.56 15.41
CA VAL F 63 -9.58 22.81 16.41
C VAL F 63 -8.19 22.24 16.02
N LYS F 64 -8.14 21.34 15.00
CA LYS F 64 -6.91 20.67 14.54
C LYS F 64 -5.73 21.63 14.18
N GLY F 65 -4.64 21.53 14.92
CA GLY F 65 -3.47 22.40 14.70
C GLY F 65 -3.52 23.63 15.57
N ARG F 66 -4.54 23.76 16.41
CA ARG F 66 -4.64 24.90 17.33
C ARG F 66 -4.62 24.36 18.74
N PHE F 67 -5.34 23.26 18.95
CA PHE F 67 -5.45 22.60 20.24
C PHE F 67 -4.65 21.35 20.26
N THR F 68 -4.09 21.03 21.47
CA THR F 68 -3.32 19.82 21.74
C THR F 68 -3.75 19.18 23.05
N ILE F 69 -3.86 17.85 23.07
CA ILE F 69 -4.22 17.16 24.30
C ILE F 69 -3.09 16.27 24.77
N SER F 70 -2.85 16.28 26.06
CA SER F 70 -1.82 15.48 26.68
C SER F 70 -2.37 14.81 27.93
N ARG F 71 -2.30 13.46 27.99
CA ARG F 71 -2.76 12.67 29.13
C ARG F 71 -1.62 12.25 30.06
N ASP F 72 -2.00 11.84 31.28
CA ASP F 72 -1.13 11.36 32.36
C ASP F 72 -1.82 10.14 32.96
N ASN F 73 -1.39 8.93 32.56
CA ASN F 73 -1.98 7.69 33.08
C ASN F 73 -1.58 7.52 34.54
N ALA F 74 -0.36 7.97 34.89
CA ALA F 74 0.24 7.93 36.23
C ALA F 74 -0.52 8.77 37.28
N GLN F 75 -1.32 9.76 36.83
CA GLN F 75 -2.10 10.62 37.73
C GLN F 75 -3.58 10.70 37.37
N ASN F 76 -4.00 10.08 36.25
CA ASN F 76 -5.36 10.09 35.70
C ASN F 76 -5.81 11.52 35.33
N LYS F 77 -4.85 12.33 34.84
CA LYS F 77 -5.03 13.71 34.43
C LYS F 77 -5.00 13.85 32.90
N VAL F 78 -5.67 14.89 32.38
CA VAL F 78 -5.77 15.21 30.94
C VAL F 78 -5.70 16.74 30.74
N TYR F 79 -4.92 17.20 29.73
CA TYR F 79 -4.70 18.62 29.47
C TYR F 79 -4.95 19.08 28.03
N LEU F 80 -5.75 20.15 27.87
CA LEU F 80 -6.07 20.74 26.56
C LEU F 80 -5.36 22.09 26.41
N GLN F 81 -4.37 22.14 25.51
CA GLN F 81 -3.63 23.36 25.24
C GLN F 81 -4.34 24.08 24.13
N MET F 82 -5.16 25.02 24.52
CA MET F 82 -5.93 25.79 23.57
C MET F 82 -5.14 26.99 23.16
N ASN F 83 -4.47 26.89 22.02
CA ASN F 83 -3.68 27.98 21.44
C ASN F 83 -4.48 28.60 20.30
N SER F 84 -4.04 29.78 19.79
CA SER F 84 -4.67 30.50 18.65
C SER F 84 -6.21 30.55 18.74
N LEU F 85 -6.73 30.89 19.91
CA LEU F 85 -8.18 30.91 20.18
C LEU F 85 -8.96 31.95 19.39
N LYS F 86 -10.03 31.50 18.71
CA LYS F 86 -11.01 32.26 17.89
C LYS F 86 -12.27 32.44 18.76
N PRO F 87 -13.16 33.47 18.53
CA PRO F 87 -14.36 33.61 19.37
C PRO F 87 -15.40 32.49 19.21
N GLU F 88 -15.27 31.71 18.12
CA GLU F 88 -16.11 30.55 17.78
C GLU F 88 -15.96 29.44 18.84
N ASP F 89 -14.79 29.42 19.51
CA ASP F 89 -14.44 28.46 20.54
C ASP F 89 -15.09 28.81 21.88
N THR F 90 -15.90 29.89 21.91
CA THR F 90 -16.64 30.34 23.09
C THR F 90 -17.77 29.35 23.39
N ALA F 91 -17.53 28.52 24.41
CA ALA F 91 -18.41 27.47 24.93
C ALA F 91 -17.90 27.00 26.29
N VAL F 92 -18.62 26.01 26.90
CA VAL F 92 -18.28 25.37 28.17
C VAL F 92 -17.63 24.06 27.75
N TYR F 93 -16.59 23.66 28.46
CA TYR F 93 -15.88 22.43 28.13
C TYR F 93 -16.08 21.36 29.11
N TYR F 94 -16.27 20.12 28.65
CA TYR F 94 -16.47 19.00 29.56
C TYR F 94 -15.43 17.96 29.42
N CYS F 95 -14.90 17.63 30.56
CA CYS F 95 -14.03 16.59 30.58
C CYS F 95 -14.73 15.30 30.58
N TRP F 96 -14.34 14.32 29.74
CA TRP F 96 -15.15 13.12 29.60
C TRP F 96 -14.28 11.91 29.92
N LEU F 97 -14.92 10.79 30.25
CA LEU F 97 -14.15 9.59 30.51
C LEU F 97 -15.00 8.41 30.22
N ASN F 98 -14.40 7.41 29.57
CA ASN F 98 -15.10 6.16 29.31
C ASN F 98 -14.30 5.14 30.12
N TRP F 99 -14.98 4.34 30.92
CA TRP F 99 -14.24 3.43 31.79
C TRP F 99 -15.06 2.20 32.08
N GLY F 100 -14.37 1.14 32.49
CA GLY F 100 -15.04 -0.11 32.83
C GLY F 100 -15.17 -1.03 31.65
N ARG F 101 -15.84 -2.17 31.89
CA ARG F 101 -16.02 -3.25 30.95
C ARG F 101 -17.26 -3.01 30.10
N THR F 102 -18.00 -1.95 30.43
CA THR F 102 -19.15 -1.43 29.70
C THR F 102 -18.76 -0.02 29.38
N SER F 103 -19.44 0.58 28.42
CA SER F 103 -19.08 1.92 28.05
C SER F 103 -19.62 2.90 29.08
N VAL F 104 -18.94 2.98 30.28
CA VAL F 104 -19.49 3.92 31.24
C VAL F 104 -18.96 5.30 30.93
N ASN F 105 -19.85 6.25 30.58
CA ASN F 105 -19.51 7.62 30.19
C ASN F 105 -19.65 8.55 31.39
N SER F 106 -18.52 9.10 31.84
CA SER F 106 -18.43 10.02 32.95
C SER F 106 -18.12 11.41 32.46
N TRP F 107 -18.93 12.41 32.90
CA TRP F 107 -18.84 13.82 32.54
C TRP F 107 -18.45 14.71 33.72
N GLY F 108 -17.60 15.69 33.46
CA GLY F 108 -17.20 16.68 34.45
C GLY F 108 -18.23 17.78 34.58
N GLN F 109 -18.04 18.69 35.53
CA GLN F 109 -19.00 19.76 35.75
C GLN F 109 -19.03 20.80 34.64
N GLY F 110 -17.87 21.09 34.06
CA GLY F 110 -17.72 22.07 33.01
C GLY F 110 -16.83 23.25 33.37
N THR F 111 -16.05 23.75 32.41
CA THR F 111 -15.14 24.90 32.59
C THR F 111 -15.49 25.90 31.48
N GLN F 112 -16.04 27.06 31.85
CA GLN F 112 -16.47 28.05 30.87
C GLN F 112 -15.32 28.83 30.27
N VAL F 113 -15.21 28.81 28.94
CA VAL F 113 -14.17 29.55 28.24
C VAL F 113 -14.83 30.53 27.35
N THR F 114 -14.47 31.81 27.48
CA THR F 114 -15.02 32.86 26.61
C THR F 114 -13.89 33.58 25.85
N VAL F 115 -13.94 33.62 24.50
CA VAL F 115 -12.88 34.28 23.74
C VAL F 115 -13.42 35.61 23.26
N SER F 116 -13.27 36.66 24.06
CA SER F 116 -13.87 37.91 23.67
C SER F 116 -12.86 38.95 23.36
N SER F 117 -13.28 39.98 22.61
CA SER F 117 -12.39 41.10 22.40
C SER F 117 -12.50 42.10 23.54
N ALA F 118 -13.62 42.00 24.31
CA ALA F 118 -13.91 42.88 25.43
C ALA F 118 -12.82 42.88 26.49
N ALA F 119 -12.23 41.69 26.75
CA ALA F 119 -11.14 41.62 27.72
C ALA F 119 -9.90 41.97 26.94
N ALA F 120 -8.99 42.68 27.59
CA ALA F 120 -7.79 43.13 26.92
C ALA F 120 -6.67 42.10 27.04
C1 GOL G . 6.52 -6.57 -12.73
O1 GOL G . 6.36 -6.35 -11.33
C2 GOL G . 5.41 -5.90 -13.51
O2 GOL G . 4.41 -6.87 -13.87
C3 GOL G . 5.97 -5.23 -14.75
O3 GOL G . 5.20 -4.11 -15.12
MG MG H . 11.80 10.74 -28.98
PG ATP I . 8.96 11.87 -29.61
O1G ATP I . 10.19 11.24 -29.04
O2G ATP I . 7.92 12.28 -28.66
O3G ATP I . 8.33 11.07 -30.70
PB ATP I . 10.87 13.92 -30.28
O1B ATP I . 11.89 13.03 -29.68
O2B ATP I . 10.54 15.20 -29.65
O3B ATP I . 9.47 13.17 -30.41
PA ATP I . 12.58 14.19 -32.48
O1A ATP I . 13.74 14.91 -31.88
O2A ATP I . 12.68 12.74 -32.75
O3A ATP I . 11.21 14.40 -31.74
O5' ATP I . 12.39 14.93 -33.86
C5' ATP I . 11.83 14.19 -34.93
C4' ATP I . 12.44 14.46 -36.31
O4' ATP I . 13.83 14.28 -36.25
C3' ATP I . 11.92 13.42 -37.25
O3' ATP I . 11.00 14.01 -38.15
C2' ATP I . 13.12 12.83 -37.95
O2' ATP I . 13.21 13.16 -39.32
C1' ATP I . 14.31 13.45 -37.28
N9 ATP I . 15.10 12.36 -36.69
C8 ATP I . 14.91 11.81 -35.49
N7 ATP I . 15.83 10.84 -35.26
C5 ATP I . 16.62 10.77 -36.33
C6 ATP I . 17.79 9.97 -36.76
N6 ATP I . 18.34 9.01 -35.99
N1 ATP I . 18.31 10.24 -37.98
C2 ATP I . 17.80 11.18 -38.78
N3 ATP I . 16.76 11.93 -38.46
C4 ATP I . 16.13 11.78 -37.28
PG ATP J . -7.97 -11.46 30.37
O1G ATP J . -8.06 -10.19 29.62
O2G ATP J . -8.07 -12.66 29.48
O3G ATP J . -8.79 -11.49 31.60
PB ATP J . -5.27 -11.00 30.08
O1B ATP J . -5.57 -9.76 29.31
O2B ATP J . -4.81 -12.21 29.36
O3B ATP J . -6.50 -11.45 30.96
PA ATP J . -3.80 -9.13 31.59
O1A ATP J . -2.84 -8.44 30.68
O2A ATP J . -5.10 -8.49 31.89
O3A ATP J . -4.16 -10.62 31.17
O5' ATP J . -3.10 -9.24 33.01
C5' ATP J . -2.90 -8.02 33.72
C4' ATP J . -2.90 -8.15 35.23
O4' ATP J . -2.29 -7.01 35.82
C3' ATP J . -4.27 -8.19 35.80
O3' ATP J . -4.15 -9.09 36.88
C2' ATP J . -4.52 -6.81 36.36
O2' ATP J . -5.40 -6.85 37.48
C1' ATP J . -3.13 -6.39 36.79
N9 ATP J . -2.92 -4.90 36.79
C8 ATP J . -2.61 -4.18 37.88
N7 ATP J . -2.48 -2.86 37.59
C5 ATP J . -2.72 -2.73 36.29
C6 ATP J . -2.74 -1.61 35.35
N6 ATP J . -2.49 -0.36 35.77
N1 ATP J . -3.03 -1.89 34.07
C2 ATP J . -3.29 -3.13 33.67
N3 ATP J . -3.29 -4.21 34.46
C4 ATP J . -3.03 -4.07 35.76
MG MG K . -7.30 -10.30 26.11
#